data_5HA5
#
_entry.id   5HA5
#
_cell.length_a   52.500
_cell.length_b   96.820
_cell.length_c   101.900
_cell.angle_alpha   90.000
_cell.angle_beta   100.750
_cell.angle_gamma   90.000
#
_symmetry.space_group_name_H-M   'P 1 21 1'
#
loop_
_entity.id
_entity.type
_entity.pdbx_description
1 polymer 'Brucella ovis oxidoreductase'
2 non-polymer IMIDAZOLE
3 non-polymer 1,2-ETHANEDIOL
4 non-polymer NICOTINAMIDE-ADENINE-DINUCLEOTIDE
5 water water
#
_entity_poly.entity_id   1
_entity_poly.type   'polypeptide(L)'
_entity_poly.pdbx_seq_one_letter_code
;MELLKEKLVLVTGAGRGLGAAISSGAAEQGARVILVDIDGTAAKAQADALTAKGFVAEGHALDVTDRDAVAALADDILSR
FGGLDVLVNNAGVAGRAAFDQPEAVEVWDRVIGVNLEGAFNVSHALVPALKAAKGNVVHLCSVAGFVSGGSTAGYVVSKG
AIRSLTQVMARDLAPHGIRVNAVAPGIMMSEMAVAQLNRPGGTDWFMNRVMMKRIGETSEVVDPVVFLASPMASYITGTI
LPVDGGFLAA
;
_entity_poly.pdbx_strand_id   A,B,C,D
#
# COMPACT_ATOMS: atom_id res chain seq x y z
N MET A 1 7.73 18.26 29.36
CA MET A 1 7.65 17.31 28.25
C MET A 1 7.86 15.89 28.76
N GLU A 2 6.74 15.23 29.13
CA GLU A 2 6.74 13.91 29.76
C GLU A 2 5.60 13.08 29.17
N LEU A 3 5.77 12.69 27.90
CA LEU A 3 4.72 11.97 27.18
C LEU A 3 4.46 10.58 27.76
N LEU A 4 5.40 10.03 28.52
CA LEU A 4 5.27 8.70 29.09
C LEU A 4 5.40 8.73 30.60
N LYS A 5 4.91 9.81 31.23
CA LYS A 5 5.13 10.05 32.65
C LYS A 5 4.60 8.89 33.49
N GLU A 6 5.49 8.29 34.30
CA GLU A 6 5.21 7.19 35.21
C GLU A 6 4.79 5.90 34.51
N LYS A 7 4.97 5.80 33.20
CA LYS A 7 4.61 4.58 32.47
C LYS A 7 5.77 3.60 32.48
N LEU A 8 5.44 2.31 32.61
CA LEU A 8 6.43 1.25 32.60
C LEU A 8 6.60 0.78 31.16
N VAL A 9 7.82 0.88 30.65
CA VAL A 9 8.14 0.57 29.25
C VAL A 9 9.16 -0.56 29.23
N LEU A 10 8.84 -1.62 28.49
CA LEU A 10 9.78 -2.70 28.24
C LEU A 10 10.29 -2.57 26.81
N VAL A 11 11.61 -2.51 26.65
CA VAL A 11 12.26 -2.42 25.34
C VAL A 11 13.16 -3.64 25.16
N THR A 12 12.93 -4.40 24.09
CA THR A 12 13.84 -5.50 23.76
C THR A 12 14.96 -5.02 22.87
N GLY A 13 16.05 -5.79 22.86
CA GLY A 13 17.23 -5.35 22.13
C GLY A 13 17.77 -4.03 22.64
N ALA A 14 17.65 -3.75 23.93
CA ALA A 14 17.94 -2.44 24.47
C ALA A 14 19.40 -2.28 24.90
N GLY A 15 20.26 -3.24 24.61
CA GLY A 15 21.64 -3.15 25.07
C GLY A 15 22.52 -2.26 24.23
N ARG A 16 22.08 -1.89 23.03
CA ARG A 16 22.90 -1.11 22.12
CA ARG A 16 22.90 -1.07 22.16
C ARG A 16 21.99 -0.46 21.08
N GLY A 17 22.58 0.45 20.32
CA GLY A 17 21.93 0.99 19.12
C GLY A 17 20.58 1.60 19.39
N LEU A 18 19.63 1.34 18.48
CA LEU A 18 18.33 2.00 18.54
C LEU A 18 17.57 1.61 19.80
N GLY A 19 17.66 0.33 20.21
CA GLY A 19 16.97 -0.08 21.43
C GLY A 19 17.42 0.70 22.66
N ALA A 20 18.74 0.89 22.81
CA ALA A 20 19.25 1.68 23.91
C ALA A 20 18.77 3.13 23.82
N ALA A 21 18.71 3.68 22.61
CA ALA A 21 18.27 5.06 22.42
C ALA A 21 16.78 5.21 22.71
N ILE A 22 15.96 4.21 22.32
CA ILE A 22 14.55 4.24 22.67
C ILE A 22 14.37 4.17 24.19
N SER A 23 15.20 3.37 24.87
CA SER A 23 15.13 3.26 26.32
C SER A 23 15.44 4.59 26.99
N SER A 24 16.53 5.23 26.58
N SER A 24 16.54 5.22 26.58
CA SER A 24 16.88 6.53 27.12
CA SER A 24 16.88 6.54 27.12
C SER A 24 15.83 7.57 26.79
C SER A 24 15.80 7.56 26.80
N GLY A 25 15.33 7.57 25.55
CA GLY A 25 14.30 8.53 25.18
C GLY A 25 13.00 8.35 25.97
N ALA A 26 12.63 7.10 26.24
CA ALA A 26 11.45 6.85 27.07
C ALA A 26 11.65 7.38 28.48
N ALA A 27 12.82 7.12 29.06
CA ALA A 27 13.13 7.63 30.40
C ALA A 27 13.07 9.14 30.43
N GLU A 28 13.61 9.81 29.40
CA GLU A 28 13.59 11.26 29.34
CA GLU A 28 13.58 11.25 29.39
C GLU A 28 12.17 11.80 29.26
N GLN A 29 11.23 10.99 28.73
CA GLN A 29 9.82 11.35 28.68
C GLN A 29 9.06 10.87 29.90
N GLY A 30 9.76 10.48 30.98
CA GLY A 30 9.15 10.18 32.25
C GLY A 30 8.91 8.72 32.54
N ALA A 31 9.30 7.82 31.64
CA ALA A 31 9.01 6.40 31.81
C ALA A 31 9.99 5.76 32.80
N ARG A 32 9.50 4.73 33.50
CA ARG A 32 10.34 3.72 34.11
C ARG A 32 10.58 2.64 33.07
N VAL A 33 11.83 2.22 32.88
CA VAL A 33 12.19 1.43 31.71
C VAL A 33 12.79 0.11 32.14
N ILE A 34 12.31 -0.98 31.54
CA ILE A 34 12.93 -2.30 31.67
C ILE A 34 13.64 -2.57 30.35
N LEU A 35 14.97 -2.67 30.41
CA LEU A 35 15.79 -2.90 29.23
C LEU A 35 16.23 -4.36 29.21
N VAL A 36 15.94 -5.06 28.11
CA VAL A 36 16.37 -6.44 27.99
C VAL A 36 17.11 -6.61 26.67
N ASP A 37 18.06 -7.54 26.67
CA ASP A 37 18.92 -7.77 25.51
C ASP A 37 19.48 -9.18 25.62
N ILE A 38 19.78 -9.79 24.46
CA ILE A 38 20.47 -11.08 24.50
C ILE A 38 21.74 -10.97 25.33
N ASP A 39 22.38 -9.81 25.32
CA ASP A 39 23.58 -9.53 26.11
C ASP A 39 23.11 -8.82 27.38
N GLY A 40 22.91 -9.58 28.45
CA GLY A 40 22.39 -9.00 29.67
C GLY A 40 23.33 -7.98 30.28
N THR A 41 24.64 -8.19 30.12
CA THR A 41 25.61 -7.21 30.60
C THR A 41 25.40 -5.86 29.92
N ALA A 42 25.13 -5.87 28.61
CA ALA A 42 24.87 -4.63 27.89
C ALA A 42 23.58 -3.96 28.35
N ALA A 43 22.51 -4.73 28.51
CA ALA A 43 21.26 -4.16 29.03
C ALA A 43 21.46 -3.54 30.41
N LYS A 44 22.25 -4.19 31.27
CA LYS A 44 22.47 -3.65 32.62
C LYS A 44 23.34 -2.39 32.57
N ALA A 45 24.34 -2.37 31.67
CA ALA A 45 25.16 -1.18 31.55
C ALA A 45 24.32 0.02 31.08
N GLN A 46 23.41 -0.21 30.14
CA GLN A 46 22.52 0.86 29.70
C GLN A 46 21.59 1.29 30.85
N ALA A 47 20.99 0.32 31.53
CA ALA A 47 20.11 0.66 32.64
C ALA A 47 20.86 1.40 33.74
N ASP A 48 22.09 0.96 34.06
CA ASP A 48 22.84 1.59 35.15
C ASP A 48 23.19 3.03 34.80
N ALA A 49 23.47 3.31 33.53
CA ALA A 49 23.74 4.68 33.12
C ALA A 49 22.51 5.57 33.29
N LEU A 50 21.32 5.02 33.02
CA LEU A 50 20.09 5.76 33.27
C LEU A 50 19.88 5.97 34.77
N THR A 51 20.12 4.93 35.57
CA THR A 51 19.98 5.06 37.02
C THR A 51 20.92 6.14 37.56
N ALA A 52 22.15 6.20 37.04
CA ALA A 52 23.07 7.22 37.50
C ALA A 52 22.59 8.62 37.15
N LYS A 53 21.85 8.78 36.06
CA LYS A 53 21.31 10.08 35.70
C LYS A 53 20.02 10.42 36.44
N GLY A 54 19.62 9.59 37.41
CA GLY A 54 18.41 9.84 38.17
C GLY A 54 17.15 9.21 37.64
N PHE A 55 17.22 8.47 36.54
CA PHE A 55 16.03 7.81 36.02
C PHE A 55 15.81 6.49 36.74
N VAL A 56 14.68 5.85 36.43
CA VAL A 56 14.30 4.59 37.06
C VAL A 56 14.36 3.52 35.98
N ALA A 57 15.33 2.61 36.09
CA ALA A 57 15.57 1.66 35.02
C ALA A 57 16.21 0.40 35.59
N GLU A 58 16.07 -0.70 34.86
CA GLU A 58 16.71 -1.96 35.22
C GLU A 58 16.99 -2.73 33.93
N GLY A 59 18.01 -3.58 33.98
CA GLY A 59 18.42 -4.36 32.82
C GLY A 59 18.44 -5.85 33.09
N HIS A 60 18.19 -6.63 32.04
CA HIS A 60 18.19 -8.09 32.16
C HIS A 60 18.58 -8.72 30.83
N ALA A 61 19.14 -9.91 30.91
CA ALA A 61 19.29 -10.73 29.73
C ALA A 61 17.94 -11.32 29.34
N LEU A 62 17.67 -11.32 28.03
CA LEU A 62 16.50 -12.02 27.48
C LEU A 62 16.82 -12.49 26.06
N ASP A 63 16.67 -13.78 25.83
CA ASP A 63 16.65 -14.34 24.48
C ASP A 63 15.19 -14.39 24.02
N VAL A 64 14.81 -13.53 23.07
CA VAL A 64 13.41 -13.46 22.65
C VAL A 64 12.96 -14.72 21.92
N THR A 65 13.89 -15.55 21.44
CA THR A 65 13.52 -16.83 20.83
C THR A 65 13.21 -17.92 21.86
N ASP A 66 13.46 -17.67 23.15
CA ASP A 66 13.28 -18.68 24.21
C ASP A 66 11.93 -18.41 24.87
N ARG A 67 10.93 -19.20 24.49
CA ARG A 67 9.57 -18.95 24.99
C ARG A 67 9.48 -19.09 26.50
N ASP A 68 10.22 -20.05 27.07
CA ASP A 68 10.24 -20.20 28.52
C ASP A 68 10.81 -18.97 29.21
N ALA A 69 11.90 -18.42 28.66
CA ALA A 69 12.50 -17.23 29.27
C ALA A 69 11.60 -16.02 29.10
N VAL A 70 10.96 -15.89 27.94
CA VAL A 70 10.01 -14.80 27.74
C VAL A 70 8.84 -14.93 28.71
N ALA A 71 8.35 -16.14 28.92
CA ALA A 71 7.25 -16.30 29.86
C ALA A 71 7.69 -15.94 31.27
N ALA A 72 8.91 -16.33 31.65
CA ALA A 72 9.39 -15.99 32.98
C ALA A 72 9.42 -14.48 33.18
N LEU A 73 9.87 -13.74 32.16
CA LEU A 73 9.93 -12.28 32.27
C LEU A 73 8.53 -11.69 32.39
N ALA A 74 7.58 -12.17 31.58
CA ALA A 74 6.21 -11.68 31.64
C ALA A 74 5.60 -11.92 33.01
N ASP A 75 5.81 -13.11 33.58
CA ASP A 75 5.27 -13.41 34.91
C ASP A 75 5.88 -12.49 35.96
N ASP A 76 7.19 -12.23 35.84
CA ASP A 76 7.89 -11.33 36.76
C ASP A 76 7.30 -9.92 36.68
N ILE A 77 7.10 -9.42 35.45
CA ILE A 77 6.55 -8.08 35.29
C ILE A 77 5.14 -8.00 35.87
N LEU A 78 4.30 -8.99 35.57
CA LEU A 78 2.94 -8.96 36.09
C LEU A 78 2.94 -9.02 37.62
N SER A 79 3.83 -9.85 38.18
CA SER A 79 3.86 -10.03 39.62
C SER A 79 4.43 -8.80 40.34
N ARG A 80 5.48 -8.20 39.77
CA ARG A 80 6.15 -7.10 40.45
C ARG A 80 5.46 -5.77 40.24
N PHE A 81 4.90 -5.53 39.05
CA PHE A 81 4.30 -4.23 38.72
C PHE A 81 2.80 -4.27 38.46
N GLY A 82 2.21 -5.44 38.23
CA GLY A 82 0.78 -5.50 38.01
C GLY A 82 0.36 -5.17 36.60
N GLY A 83 1.30 -4.95 35.70
CA GLY A 83 0.94 -4.59 34.34
C GLY A 83 2.14 -3.98 33.64
N LEU A 84 1.91 -3.66 32.37
CA LEU A 84 2.94 -3.09 31.50
C LEU A 84 2.28 -2.05 30.62
N ASP A 85 2.83 -0.84 30.62
CA ASP A 85 2.21 0.25 29.87
C ASP A 85 2.67 0.32 28.42
N VAL A 86 3.92 -0.02 28.13
CA VAL A 86 4.41 0.03 26.76
C VAL A 86 5.34 -1.16 26.53
N LEU A 87 5.12 -1.87 25.44
CA LEU A 87 6.07 -2.85 24.92
C LEU A 87 6.64 -2.35 23.61
N VAL A 88 7.96 -2.30 23.52
CA VAL A 88 8.64 -1.96 22.27
C VAL A 88 9.41 -3.18 21.81
N ASN A 89 8.97 -3.79 20.70
CA ASN A 89 9.68 -4.93 20.14
C ASN A 89 10.76 -4.42 19.21
N ASN A 90 11.94 -4.18 19.76
CA ASN A 90 13.04 -3.63 18.96
C ASN A 90 14.07 -4.67 18.57
N ALA A 91 14.17 -5.77 19.32
CA ALA A 91 15.23 -6.75 19.08
C ALA A 91 15.13 -7.31 17.67
N GLY A 92 16.25 -7.31 16.96
CA GLY A 92 16.22 -7.71 15.57
C GLY A 92 17.61 -7.87 15.02
N VAL A 93 17.70 -8.66 13.94
CA VAL A 93 18.95 -8.91 13.26
C VAL A 93 18.68 -8.83 11.76
N ALA A 94 19.74 -8.66 10.98
CA ALA A 94 19.65 -8.72 9.53
C ALA A 94 20.69 -9.73 9.03
N GLY A 95 21.08 -9.57 7.77
CA GLY A 95 21.98 -10.54 7.16
C GLY A 95 22.14 -10.22 5.69
N ARG A 96 23.06 -10.96 5.07
CA ARG A 96 23.35 -10.81 3.65
C ARG A 96 23.31 -12.19 3.01
N ALA A 97 22.41 -12.36 2.04
CA ALA A 97 22.31 -13.58 1.25
C ALA A 97 21.24 -13.36 0.18
N ALA A 98 21.57 -13.67 -1.08
CA ALA A 98 20.57 -13.65 -2.14
C ALA A 98 19.73 -14.92 -2.11
N PHE A 99 18.51 -14.81 -2.64
CA PHE A 99 17.55 -15.92 -2.52
C PHE A 99 18.06 -17.19 -3.19
N ASP A 100 18.85 -17.06 -4.25
CA ASP A 100 19.34 -18.24 -4.95
C ASP A 100 20.62 -18.81 -4.36
N GLN A 101 21.04 -18.34 -3.22
CA GLN A 101 22.22 -18.93 -2.63
C GLN A 101 21.83 -19.92 -1.54
N PRO A 102 22.60 -21.01 -1.37
CA PRO A 102 22.32 -21.91 -0.25
C PRO A 102 22.35 -21.20 1.09
N GLU A 103 23.26 -20.23 1.25
CA GLU A 103 23.36 -19.45 2.49
C GLU A 103 22.05 -18.77 2.86
N ALA A 104 21.14 -18.59 1.91
CA ALA A 104 19.92 -17.86 2.23
C ALA A 104 19.12 -18.59 3.29
N VAL A 105 19.26 -19.90 3.41
CA VAL A 105 18.44 -20.66 4.34
C VAL A 105 18.86 -20.38 5.77
N GLU A 106 20.16 -20.46 6.09
CA GLU A 106 20.59 -20.17 7.46
C GLU A 106 20.27 -18.74 7.84
N VAL A 107 20.44 -17.81 6.90
CA VAL A 107 20.12 -16.41 7.20
C VAL A 107 18.62 -16.27 7.46
N TRP A 108 17.80 -16.88 6.60
CA TRP A 108 16.34 -16.84 6.77
C TRP A 108 15.92 -17.37 8.14
N ASP A 109 16.41 -18.54 8.53
CA ASP A 109 16.01 -19.10 9.82
C ASP A 109 16.38 -18.17 10.97
N ARG A 110 17.58 -17.60 10.92
CA ARG A 110 18.04 -16.76 12.01
C ARG A 110 17.23 -15.46 12.08
N VAL A 111 17.05 -14.80 10.94
CA VAL A 111 16.36 -13.51 10.92
C VAL A 111 14.87 -13.69 11.24
N ILE A 112 14.20 -14.64 10.59
CA ILE A 112 12.81 -14.93 10.94
C ILE A 112 12.70 -15.27 12.42
N GLY A 113 13.65 -16.06 12.95
CA GLY A 113 13.57 -16.48 14.33
C GLY A 113 13.57 -15.32 15.32
N VAL A 114 14.46 -14.35 15.12
CA VAL A 114 14.54 -13.22 16.04
C VAL A 114 13.45 -12.19 15.75
N ASN A 115 13.35 -11.77 14.49
CA ASN A 115 12.55 -10.58 14.15
C ASN A 115 11.06 -10.87 14.22
N LEU A 116 10.61 -12.00 13.70
CA LEU A 116 9.20 -12.33 13.67
C LEU A 116 8.80 -13.23 14.83
N GLU A 117 9.48 -14.36 15.00
CA GLU A 117 9.08 -15.31 16.02
C GLU A 117 9.35 -14.74 17.41
N GLY A 118 10.46 -14.01 17.57
CA GLY A 118 10.73 -13.34 18.83
C GLY A 118 9.69 -12.29 19.16
N ALA A 119 9.34 -11.46 18.17
CA ALA A 119 8.31 -10.45 18.38
C ALA A 119 6.97 -11.08 18.74
N PHE A 120 6.63 -12.22 18.13
CA PHE A 120 5.40 -12.91 18.52
C PHE A 120 5.50 -13.42 19.94
N ASN A 121 6.63 -14.05 20.30
CA ASN A 121 6.80 -14.58 21.65
C ASN A 121 6.57 -13.50 22.69
N VAL A 122 7.27 -12.38 22.55
CA VAL A 122 7.21 -11.33 23.57
C VAL A 122 5.82 -10.68 23.57
N SER A 123 5.26 -10.42 22.39
CA SER A 123 3.91 -9.83 22.31
C SER A 123 2.88 -10.74 22.94
N HIS A 124 2.87 -12.02 22.57
CA HIS A 124 1.84 -12.92 23.09
C HIS A 124 1.96 -13.07 24.60
N ALA A 125 3.19 -13.21 25.10
CA ALA A 125 3.37 -13.45 26.52
C ALA A 125 3.01 -12.24 27.38
N LEU A 126 3.18 -11.02 26.86
CA LEU A 126 2.90 -9.84 27.66
C LEU A 126 1.46 -9.37 27.59
N VAL A 127 0.59 -10.07 26.85
CA VAL A 127 -0.81 -9.63 26.76
C VAL A 127 -1.48 -9.49 28.12
N PRO A 128 -1.39 -10.46 29.03
CA PRO A 128 -2.00 -10.24 30.36
C PRO A 128 -1.54 -8.95 31.01
N ALA A 129 -0.22 -8.69 31.01
CA ALA A 129 0.28 -7.46 31.62
C ALA A 129 -0.23 -6.22 30.89
N LEU A 130 -0.31 -6.29 29.56
CA LEU A 130 -0.81 -5.16 28.79
C LEU A 130 -2.30 -4.92 29.04
N LYS A 131 -3.08 -6.00 29.19
CA LYS A 131 -4.49 -5.83 29.51
C LYS A 131 -4.70 -5.11 30.83
N ALA A 132 -3.90 -5.48 31.84
CA ALA A 132 -4.10 -4.95 33.18
C ALA A 132 -3.87 -3.45 33.22
N ALA A 133 -2.92 -2.96 32.42
CA ALA A 133 -2.54 -1.56 32.40
C ALA A 133 -3.15 -0.77 31.24
N LYS A 134 -3.91 -1.43 30.36
CA LYS A 134 -4.31 -0.84 29.09
C LYS A 134 -3.12 -0.18 28.40
N GLY A 135 -2.04 -0.94 28.32
CA GLY A 135 -0.84 -0.47 27.65
C GLY A 135 -0.93 -0.56 26.14
N ASN A 136 0.17 -0.22 25.48
CA ASN A 136 0.21 -0.34 24.03
C ASN A 136 1.54 -0.94 23.58
N VAL A 137 1.54 -1.38 22.32
CA VAL A 137 2.69 -2.04 21.71
C VAL A 137 3.17 -1.22 20.52
N VAL A 138 4.49 -1.06 20.40
CA VAL A 138 5.11 -0.48 19.21
C VAL A 138 6.11 -1.50 18.67
N HIS A 139 5.86 -2.00 17.46
CA HIS A 139 6.80 -2.91 16.79
C HIS A 139 7.81 -2.10 15.99
N LEU A 140 8.99 -2.69 15.79
CA LEU A 140 9.99 -2.13 14.88
C LEU A 140 9.80 -2.84 13.55
N CYS A 141 9.12 -2.16 12.62
CA CYS A 141 8.97 -2.63 11.26
C CYS A 141 10.13 -2.07 10.45
N SER A 142 9.95 -1.81 9.15
CA SER A 142 11.05 -1.30 8.32
C SER A 142 10.46 -0.88 6.99
N VAL A 143 11.18 -0.01 6.27
CA VAL A 143 10.80 0.21 4.87
C VAL A 143 10.79 -1.12 4.11
N ALA A 144 11.62 -2.08 4.54
CA ALA A 144 11.63 -3.38 3.90
C ALA A 144 10.36 -4.18 4.16
N GLY A 145 9.49 -3.73 5.06
CA GLY A 145 8.19 -4.33 5.16
C GLY A 145 7.22 -3.88 4.09
N PHE A 146 7.63 -2.96 3.23
CA PHE A 146 6.76 -2.44 2.17
C PHE A 146 7.27 -2.71 0.77
N VAL A 147 8.60 -2.77 0.61
CA VAL A 147 9.27 -3.04 -0.66
C VAL A 147 10.49 -3.89 -0.34
N SER A 148 11.08 -4.51 -1.36
CA SER A 148 12.19 -5.42 -1.08
C SER A 148 13.47 -4.64 -0.72
N GLY A 149 13.66 -3.46 -1.28
CA GLY A 149 14.85 -2.68 -0.95
C GLY A 149 16.12 -3.48 -1.21
N GLY A 150 17.10 -3.34 -0.32
CA GLY A 150 18.36 -4.06 -0.45
C GLY A 150 18.57 -5.16 0.57
N SER A 151 17.57 -5.53 1.34
CA SER A 151 17.73 -6.45 2.44
C SER A 151 17.55 -7.91 2.02
N THR A 152 18.08 -8.81 2.85
CA THR A 152 17.98 -10.23 2.56
C THR A 152 16.53 -10.71 2.73
N ALA A 153 16.19 -11.78 2.01
CA ALA A 153 14.81 -12.28 2.01
C ALA A 153 14.26 -12.47 3.42
N GLY A 154 15.03 -13.09 4.32
CA GLY A 154 14.51 -13.29 5.67
C GLY A 154 14.15 -11.98 6.34
N TYR A 155 14.91 -10.92 6.07
CA TYR A 155 14.63 -9.63 6.69
C TYR A 155 13.39 -8.99 6.11
N VAL A 156 13.32 -8.94 4.78
CA VAL A 156 12.16 -8.38 4.08
C VAL A 156 10.89 -9.07 4.57
N VAL A 157 10.91 -10.40 4.58
CA VAL A 157 9.71 -11.16 4.95
C VAL A 157 9.39 -10.97 6.43
N SER A 158 10.41 -10.93 7.29
CA SER A 158 10.14 -10.73 8.70
C SER A 158 9.46 -9.39 8.93
N LYS A 159 9.84 -8.35 8.17
CA LYS A 159 9.27 -7.04 8.43
C LYS A 159 7.89 -6.88 7.79
N GLY A 160 7.66 -7.50 6.63
CA GLY A 160 6.30 -7.56 6.12
C GLY A 160 5.38 -8.33 7.05
N ALA A 161 5.90 -9.41 7.64
CA ALA A 161 5.14 -10.15 8.66
C ALA A 161 4.82 -9.28 9.86
N ILE A 162 5.79 -8.45 10.28
CA ILE A 162 5.58 -7.54 11.42
C ILE A 162 4.48 -6.54 11.09
N ARG A 163 4.47 -6.06 9.85
CA ARG A 163 3.40 -5.16 9.41
C ARG A 163 2.03 -5.81 9.59
N SER A 164 1.89 -7.06 9.13
CA SER A 164 0.63 -7.77 9.31
C SER A 164 0.36 -8.11 10.79
N LEU A 165 1.40 -8.47 11.53
CA LEU A 165 1.24 -8.71 12.96
C LEU A 165 0.65 -7.48 13.67
N THR A 166 1.09 -6.29 13.25
CA THR A 166 0.55 -5.05 13.82
C THR A 166 -0.95 -4.97 13.63
N GLN A 167 -1.43 -5.30 12.43
CA GLN A 167 -2.85 -5.18 12.12
C GLN A 167 -3.67 -6.16 12.94
N VAL A 168 -3.24 -7.43 13.02
CA VAL A 168 -4.08 -8.44 13.65
C VAL A 168 -3.99 -8.35 15.16
N MET A 169 -2.83 -8.00 15.71
CA MET A 169 -2.78 -7.71 17.14
C MET A 169 -3.68 -6.54 17.49
N ALA A 170 -3.65 -5.49 16.67
CA ALA A 170 -4.53 -4.34 16.93
C ALA A 170 -5.99 -4.75 16.93
N ARG A 171 -6.37 -5.62 16.00
CA ARG A 171 -7.76 -6.07 15.91
C ARG A 171 -8.16 -6.83 17.17
N ASP A 172 -7.34 -7.79 17.57
CA ASP A 172 -7.71 -8.68 18.67
C ASP A 172 -7.56 -8.02 20.03
N LEU A 173 -6.68 -7.00 20.15
CA LEU A 173 -6.45 -6.37 21.44
C LEU A 173 -7.18 -5.05 21.63
N ALA A 174 -7.76 -4.48 20.57
CA ALA A 174 -8.55 -3.26 20.72
C ALA A 174 -9.67 -3.37 21.77
N PRO A 175 -10.45 -4.47 21.85
CA PRO A 175 -11.49 -4.53 22.90
C PRO A 175 -10.94 -4.48 24.31
N HIS A 176 -9.65 -4.75 24.48
CA HIS A 176 -8.98 -4.64 25.76
C HIS A 176 -8.29 -3.30 25.97
N GLY A 177 -8.51 -2.34 25.05
CA GLY A 177 -7.93 -1.02 25.18
C GLY A 177 -6.44 -0.96 24.91
N ILE A 178 -5.89 -1.90 24.15
CA ILE A 178 -4.46 -1.98 23.85
C ILE A 178 -4.26 -1.55 22.41
N ARG A 179 -3.59 -0.41 22.19
CA ARG A 179 -3.22 -0.03 20.83
C ARG A 179 -1.98 -0.80 20.39
N VAL A 180 -1.90 -1.09 19.10
CA VAL A 180 -0.72 -1.78 18.53
C VAL A 180 -0.35 -1.06 17.25
N ASN A 181 0.86 -0.50 17.22
CA ASN A 181 1.38 0.23 16.07
C ASN A 181 2.83 -0.18 15.79
N ALA A 182 3.41 0.38 14.73
CA ALA A 182 4.80 0.10 14.39
C ALA A 182 5.41 1.33 13.74
N VAL A 183 6.73 1.45 13.85
CA VAL A 183 7.47 2.42 13.05
C VAL A 183 8.20 1.65 11.96
N ALA A 184 8.33 2.27 10.79
CA ALA A 184 9.01 1.65 9.65
C ALA A 184 10.20 2.52 9.25
N PRO A 185 11.31 2.42 9.94
CA PRO A 185 12.46 3.27 9.63
C PRO A 185 13.17 2.84 8.36
N GLY A 186 13.83 3.81 7.74
CA GLY A 186 14.90 3.53 6.81
C GLY A 186 16.16 3.27 7.61
N ILE A 187 17.30 3.62 7.03
CA ILE A 187 18.54 3.48 7.78
C ILE A 187 18.65 4.65 8.75
N MET A 188 19.05 4.36 9.98
CA MET A 188 19.41 5.43 10.92
C MET A 188 20.83 5.20 11.43
N MET A 189 21.37 6.23 12.09
CA MET A 189 22.81 6.27 12.34
C MET A 189 23.31 5.09 13.18
N SER A 190 22.47 4.61 14.12
CA SER A 190 22.91 3.50 14.96
C SER A 190 23.26 2.26 14.12
N GLU A 191 22.59 2.08 12.98
CA GLU A 191 22.90 0.95 12.11
C GLU A 191 24.23 1.10 11.39
N MET A 192 24.83 2.29 11.40
CA MET A 192 26.13 2.57 10.78
C MET A 192 27.27 2.57 11.79
N ALA A 193 27.01 2.12 13.03
CA ALA A 193 27.94 2.35 14.13
C ALA A 193 29.24 1.55 13.99
N VAL A 194 29.17 0.34 13.44
CA VAL A 194 30.35 -0.52 13.33
C VAL A 194 30.91 -0.37 11.92
N ALA A 195 32.10 0.24 11.82
CA ALA A 195 32.64 0.61 10.51
C ALA A 195 32.96 -0.61 9.64
N GLN A 196 33.63 -1.62 10.19
CA GLN A 196 34.02 -2.78 9.40
C GLN A 196 32.82 -3.55 8.87
N LEU A 197 31.62 -3.34 9.44
CA LEU A 197 30.42 -4.00 8.95
C LEU A 197 29.67 -3.17 7.90
N ASN A 198 30.16 -1.97 7.57
CA ASN A 198 29.56 -1.14 6.53
C ASN A 198 30.28 -1.45 5.22
N ARG A 199 29.69 -2.28 4.39
CA ARG A 199 30.32 -2.61 3.12
C ARG A 199 30.26 -1.39 2.19
N PRO A 200 31.30 -1.16 1.38
CA PRO A 200 31.23 -0.08 0.39
C PRO A 200 30.06 -0.28 -0.55
N GLY A 201 29.26 0.77 -0.72
CA GLY A 201 28.06 0.68 -1.52
C GLY A 201 26.87 0.07 -0.81
N GLY A 202 27.03 -0.36 0.45
CA GLY A 202 26.00 -1.11 1.12
C GLY A 202 24.72 -0.33 1.43
N THR A 203 24.80 0.99 1.50
CA THR A 203 23.59 1.79 1.74
C THR A 203 23.03 2.42 0.48
N ASP A 204 23.60 2.13 -0.70
CA ASP A 204 23.16 2.78 -1.93
C ASP A 204 21.68 2.54 -2.21
N TRP A 205 21.19 1.32 -1.93
CA TRP A 205 19.78 1.00 -2.15
C TRP A 205 18.88 2.04 -1.46
N PHE A 206 19.30 2.53 -0.30
CA PHE A 206 18.54 3.51 0.46
C PHE A 206 18.89 4.94 0.05
N MET A 207 20.18 5.26 0.00
CA MET A 207 20.61 6.62 -0.28
C MET A 207 20.19 7.08 -1.68
N ASN A 208 20.10 6.16 -2.64
CA ASN A 208 19.72 6.54 -4.00
C ASN A 208 18.26 6.99 -4.09
N ARG A 209 17.45 6.70 -3.09
CA ARG A 209 16.02 6.96 -3.15
C ARG A 209 15.51 7.90 -2.07
N VAL A 210 16.18 7.98 -0.92
CA VAL A 210 15.66 8.78 0.20
C VAL A 210 15.63 10.25 -0.21
N MET A 211 14.50 10.91 0.08
CA MET A 211 14.32 12.30 -0.38
C MET A 211 15.22 13.27 0.39
N MET A 212 15.39 13.04 1.68
CA MET A 212 16.24 13.91 2.49
C MET A 212 17.73 13.72 2.22
N LYS A 213 18.11 12.69 1.47
CA LYS A 213 19.52 12.47 1.08
C LYS A 213 20.45 12.41 2.30
N ARG A 214 19.99 11.73 3.35
CA ARG A 214 20.80 11.55 4.55
C ARG A 214 20.24 10.36 5.32
N ILE A 215 21.12 9.74 6.10
CA ILE A 215 20.72 8.74 7.07
C ILE A 215 20.03 9.43 8.23
N GLY A 216 18.97 8.83 8.76
CA GLY A 216 18.28 9.45 9.88
C GLY A 216 19.12 9.43 11.14
N GLU A 217 19.01 10.50 11.94
CA GLU A 217 19.60 10.45 13.26
C GLU A 217 18.82 9.45 14.11
N THR A 218 19.53 8.78 15.01
CA THR A 218 18.88 7.78 15.85
C THR A 218 17.72 8.39 16.64
N SER A 219 17.90 9.63 17.13
CA SER A 219 16.83 10.30 17.87
C SER A 219 15.60 10.57 17.00
N GLU A 220 15.77 10.67 15.68
CA GLU A 220 14.61 10.88 14.80
C GLU A 220 13.77 9.63 14.59
N VAL A 221 14.22 8.47 15.06
CA VAL A 221 13.38 7.27 15.08
C VAL A 221 12.80 7.09 16.49
N VAL A 222 13.58 7.47 17.51
CA VAL A 222 13.08 7.45 18.88
C VAL A 222 11.82 8.30 19.03
N ASP A 223 11.84 9.54 18.52
CA ASP A 223 10.70 10.44 18.73
C ASP A 223 9.40 9.87 18.18
N PRO A 224 9.34 9.31 16.96
CA PRO A 224 8.06 8.71 16.51
C PRO A 224 7.62 7.51 17.34
N VAL A 225 8.56 6.71 17.87
CA VAL A 225 8.18 5.62 18.77
C VAL A 225 7.50 6.18 20.00
N VAL A 226 8.11 7.20 20.61
CA VAL A 226 7.51 7.82 21.79
C VAL A 226 6.12 8.38 21.48
N PHE A 227 5.99 9.08 20.35
CA PHE A 227 4.69 9.59 19.91
C PHE A 227 3.65 8.47 19.84
N LEU A 228 3.98 7.36 19.16
CA LEU A 228 3.00 6.28 19.02
C LEU A 228 2.65 5.66 20.38
N ALA A 229 3.60 5.62 21.31
CA ALA A 229 3.36 5.02 22.62
C ALA A 229 2.63 5.94 23.58
N SER A 230 2.29 7.16 23.15
CA SER A 230 1.77 8.21 24.02
C SER A 230 0.29 8.48 23.73
N PRO A 231 -0.39 9.20 24.63
CA PRO A 231 -1.79 9.59 24.37
C PRO A 231 -1.97 10.49 23.15
N MET A 232 -0.90 11.09 22.63
CA MET A 232 -1.02 11.81 21.36
C MET A 232 -1.49 10.90 20.24
N ALA A 233 -1.28 9.60 20.37
CA ALA A 233 -1.69 8.62 19.38
C ALA A 233 -2.94 7.84 19.80
N SER A 234 -3.78 8.44 20.66
CA SER A 234 -4.82 7.64 21.29
C SER A 234 -5.87 7.15 20.30
N TYR A 235 -5.95 7.72 19.10
CA TYR A 235 -6.86 7.21 18.09
C TYR A 235 -6.12 6.49 16.97
N ILE A 236 -4.86 6.13 17.21
CA ILE A 236 -4.04 5.44 16.20
C ILE A 236 -3.81 4.02 16.68
N THR A 237 -4.25 3.04 15.88
CA THR A 237 -3.92 1.66 16.14
C THR A 237 -3.90 0.90 14.82
N GLY A 238 -3.17 -0.22 14.80
CA GLY A 238 -3.02 -1.02 13.59
C GLY A 238 -2.20 -0.34 12.52
N THR A 239 -1.46 0.70 12.86
CA THR A 239 -0.85 1.62 11.91
C THR A 239 0.66 1.45 11.90
N ILE A 240 1.25 1.54 10.72
CA ILE A 240 2.70 1.43 10.52
C ILE A 240 3.18 2.77 9.95
N LEU A 241 4.01 3.48 10.71
CA LEU A 241 4.39 4.84 10.37
C LEU A 241 5.78 4.83 9.75
N PRO A 242 5.94 5.17 8.47
CA PRO A 242 7.28 5.28 7.89
C PRO A 242 8.07 6.40 8.54
N VAL A 243 9.31 6.12 8.91
CA VAL A 243 10.23 7.14 9.42
C VAL A 243 11.49 7.02 8.59
N ASP A 244 11.47 7.57 7.37
CA ASP A 244 12.35 7.06 6.34
C ASP A 244 12.87 8.15 5.41
N GLY A 245 12.77 9.42 5.82
CA GLY A 245 13.29 10.49 4.99
C GLY A 245 12.64 10.59 3.63
N GLY A 246 11.47 9.97 3.45
CA GLY A 246 10.78 10.03 2.19
C GLY A 246 11.03 8.87 1.28
N PHE A 247 11.75 7.86 1.76
CA PHE A 247 12.12 6.71 0.92
C PHE A 247 10.89 6.06 0.28
N LEU A 248 9.89 5.70 1.09
CA LEU A 248 8.76 4.95 0.54
C LEU A 248 7.86 5.79 -0.36
N ALA A 249 7.91 7.13 -0.24
CA ALA A 249 7.17 8.02 -1.13
C ALA A 249 7.87 8.26 -2.46
N ALA A 250 9.15 7.91 -2.58
CA ALA A 250 9.92 8.19 -3.79
C ALA A 250 9.66 7.18 -4.90
N MET B 1 -7.66 -22.43 -26.04
CA MET B 1 -6.73 -21.61 -25.29
C MET B 1 -5.58 -22.48 -24.80
N GLU B 2 -4.35 -22.03 -25.05
CA GLU B 2 -3.16 -22.81 -24.71
C GLU B 2 -2.12 -21.90 -24.06
N LEU B 3 -2.54 -21.16 -23.02
CA LEU B 3 -1.63 -20.20 -22.41
C LEU B 3 -0.40 -20.85 -21.77
N LEU B 4 -0.47 -22.13 -21.41
CA LEU B 4 0.66 -22.83 -20.79
C LEU B 4 1.09 -24.03 -21.61
N LYS B 5 0.98 -23.91 -22.93
CA LYS B 5 1.26 -25.02 -23.86
C LYS B 5 2.63 -25.61 -23.61
N GLU B 6 2.66 -26.91 -23.32
CA GLU B 6 3.87 -27.71 -23.08
C GLU B 6 4.71 -27.25 -21.90
N LYS B 7 4.19 -26.38 -21.04
CA LYS B 7 4.90 -26.00 -19.83
CA LYS B 7 4.90 -26.00 -19.83
C LYS B 7 4.68 -27.04 -18.73
N LEU B 8 5.71 -27.25 -17.92
CA LEU B 8 5.62 -28.13 -16.76
C LEU B 8 5.26 -27.28 -15.54
N VAL B 9 4.17 -27.63 -14.86
CA VAL B 9 3.64 -26.85 -13.74
C VAL B 9 3.61 -27.73 -12.51
N LEU B 10 4.19 -27.25 -11.41
CA LEU B 10 4.11 -27.94 -10.12
C LEU B 10 3.16 -27.18 -9.20
N VAL B 11 2.15 -27.88 -8.68
CA VAL B 11 1.17 -27.29 -7.76
C VAL B 11 1.25 -28.02 -6.43
N THR B 12 1.56 -27.30 -5.35
CA THR B 12 1.49 -27.88 -4.02
C THR B 12 0.09 -27.73 -3.45
N GLY B 13 -0.26 -28.61 -2.51
CA GLY B 13 -1.63 -28.66 -2.01
C GLY B 13 -2.66 -28.95 -3.08
N ALA B 14 -2.32 -29.76 -4.08
CA ALA B 14 -3.22 -30.01 -5.20
C ALA B 14 -4.20 -31.16 -4.96
N GLY B 15 -4.29 -31.68 -3.74
CA GLY B 15 -5.17 -32.80 -3.50
C GLY B 15 -6.65 -32.47 -3.54
N ARG B 16 -7.02 -31.21 -3.38
CA ARG B 16 -8.41 -30.77 -3.32
C ARG B 16 -8.43 -29.24 -3.45
N GLY B 17 -9.63 -28.67 -3.44
CA GLY B 17 -9.76 -27.22 -3.33
C GLY B 17 -9.11 -26.48 -4.49
N LEU B 18 -8.57 -25.30 -4.19
CA LEU B 18 -7.98 -24.45 -5.23
C LEU B 18 -6.80 -25.12 -5.92
N GLY B 19 -5.99 -25.88 -5.17
CA GLY B 19 -4.83 -26.50 -5.79
C GLY B 19 -5.23 -27.54 -6.84
N ALA B 20 -6.26 -28.32 -6.54
CA ALA B 20 -6.73 -29.28 -7.55
C ALA B 20 -7.33 -28.55 -8.74
N ALA B 21 -8.01 -27.44 -8.49
CA ALA B 21 -8.63 -26.68 -9.58
C ALA B 21 -7.59 -25.98 -10.44
N ILE B 22 -6.54 -25.45 -9.79
CA ILE B 22 -5.44 -24.85 -10.54
C ILE B 22 -4.74 -25.90 -11.39
N SER B 23 -4.57 -27.12 -10.84
CA SER B 23 -3.92 -28.17 -11.61
C SER B 23 -4.73 -28.51 -12.85
N SER B 24 -6.04 -28.69 -12.67
CA SER B 24 -6.92 -28.97 -13.79
C SER B 24 -6.91 -27.83 -14.80
N GLY B 25 -7.05 -26.59 -14.33
CA GLY B 25 -7.04 -25.46 -15.23
C GLY B 25 -5.73 -25.32 -15.99
N ALA B 26 -4.60 -25.59 -15.32
CA ALA B 26 -3.33 -25.55 -16.02
C ALA B 26 -3.26 -26.60 -17.12
N ALA B 27 -3.70 -27.82 -16.83
CA ALA B 27 -3.73 -28.86 -17.86
C ALA B 27 -4.64 -28.46 -19.01
N GLU B 28 -5.79 -27.86 -18.71
CA GLU B 28 -6.67 -27.39 -19.78
CA GLU B 28 -6.68 -27.38 -19.77
C GLU B 28 -5.98 -26.34 -20.65
N GLN B 29 -5.05 -25.57 -20.08
CA GLN B 29 -4.30 -24.59 -20.84
C GLN B 29 -3.06 -25.17 -21.50
N GLY B 30 -2.92 -26.50 -21.52
CA GLY B 30 -1.83 -27.16 -22.22
C GLY B 30 -0.66 -27.63 -21.37
N ALA B 31 -0.74 -27.51 -20.05
CA ALA B 31 0.41 -27.82 -19.22
C ALA B 31 0.46 -29.31 -18.88
N ARG B 32 1.69 -29.80 -18.70
CA ARG B 32 1.93 -31.04 -17.96
C ARG B 32 2.02 -30.67 -16.49
N VAL B 33 1.32 -31.39 -15.62
CA VAL B 33 1.14 -30.93 -14.25
C VAL B 33 1.69 -31.97 -13.29
N ILE B 34 2.44 -31.50 -12.29
CA ILE B 34 2.87 -32.33 -11.17
C ILE B 34 2.06 -31.86 -9.96
N LEU B 35 1.26 -32.76 -9.39
CA LEU B 35 0.37 -32.44 -8.29
C LEU B 35 0.94 -33.07 -7.02
N VAL B 36 1.19 -32.25 -5.99
CA VAL B 36 1.74 -32.80 -4.75
C VAL B 36 0.91 -32.29 -3.57
N ASP B 37 0.82 -33.14 -2.54
CA ASP B 37 -0.01 -32.85 -1.38
C ASP B 37 0.46 -33.70 -0.23
N ILE B 38 0.30 -33.19 0.99
CA ILE B 38 0.62 -34.03 2.15
C ILE B 38 -0.27 -35.26 2.13
N ASP B 39 -1.45 -35.18 1.50
CA ASP B 39 -2.28 -36.36 1.25
C ASP B 39 -1.93 -36.86 -0.15
N GLY B 40 -0.96 -37.77 -0.20
CA GLY B 40 -0.52 -38.29 -1.49
C GLY B 40 -1.58 -39.07 -2.24
N THR B 41 -2.46 -39.75 -1.50
CA THR B 41 -3.56 -40.47 -2.14
C THR B 41 -4.48 -39.49 -2.89
N ALA B 42 -4.74 -38.33 -2.30
CA ALA B 42 -5.57 -37.33 -2.96
C ALA B 42 -4.85 -36.73 -4.16
N ALA B 43 -3.56 -36.41 -4.00
CA ALA B 43 -2.78 -35.89 -5.14
C ALA B 43 -2.80 -36.86 -6.31
N LYS B 44 -2.57 -38.16 -6.03
CA LYS B 44 -2.58 -39.15 -7.10
C LYS B 44 -3.97 -39.35 -7.69
N ALA B 45 -5.01 -39.24 -6.86
CA ALA B 45 -6.37 -39.35 -7.39
C ALA B 45 -6.68 -38.21 -8.35
N GLN B 46 -6.28 -36.98 -8.00
CA GLN B 46 -6.49 -35.85 -8.90
C GLN B 46 -5.68 -36.01 -10.18
N ALA B 47 -4.44 -36.48 -10.06
CA ALA B 47 -3.60 -36.68 -11.24
C ALA B 47 -4.18 -37.75 -12.13
N ASP B 48 -4.58 -38.89 -11.54
CA ASP B 48 -5.13 -39.96 -12.36
C ASP B 48 -6.41 -39.54 -13.06
N ALA B 49 -7.21 -38.68 -12.42
CA ALA B 49 -8.39 -38.16 -13.10
C ALA B 49 -8.00 -37.31 -14.31
N LEU B 50 -6.92 -36.53 -14.17
CA LEU B 50 -6.47 -35.72 -15.29
C LEU B 50 -5.92 -36.61 -16.40
N THR B 51 -5.17 -37.66 -16.04
CA THR B 51 -4.70 -38.60 -17.04
C THR B 51 -5.87 -39.25 -17.78
N ALA B 52 -6.94 -39.58 -17.05
CA ALA B 52 -8.07 -40.25 -17.70
C ALA B 52 -8.80 -39.31 -18.65
N LYS B 53 -8.70 -38.00 -18.42
CA LYS B 53 -9.29 -37.00 -19.31
C LYS B 53 -8.40 -36.67 -20.50
N GLY B 54 -7.23 -37.29 -20.61
CA GLY B 54 -6.36 -37.06 -21.74
C GLY B 54 -5.30 -36.02 -21.53
N PHE B 55 -5.02 -35.63 -20.28
CA PHE B 55 -3.97 -34.67 -19.98
C PHE B 55 -2.75 -35.41 -19.49
N VAL B 56 -1.66 -34.67 -19.28
CA VAL B 56 -0.40 -35.23 -18.81
C VAL B 56 -0.23 -34.76 -17.37
N ALA B 57 -0.31 -35.69 -16.43
CA ALA B 57 -0.29 -35.34 -15.01
C ALA B 57 0.33 -36.48 -14.21
N GLU B 58 0.91 -36.14 -13.07
CA GLU B 58 1.38 -37.12 -12.10
C GLU B 58 1.18 -36.56 -10.71
N GLY B 59 1.06 -37.45 -9.72
CA GLY B 59 0.83 -37.02 -8.34
C GLY B 59 1.78 -37.70 -7.38
N HIS B 60 2.11 -36.98 -6.30
CA HIS B 60 3.03 -37.48 -5.28
C HIS B 60 2.63 -36.95 -3.92
N ALA B 61 3.01 -37.69 -2.88
CA ALA B 61 2.94 -37.19 -1.52
C ALA B 61 4.08 -36.20 -1.30
N LEU B 62 3.76 -35.05 -0.70
CA LEU B 62 4.82 -34.13 -0.28
C LEU B 62 4.33 -33.33 0.91
N ASP B 63 5.11 -33.33 1.97
CA ASP B 63 4.87 -32.42 3.10
C ASP B 63 5.80 -31.23 2.90
N VAL B 64 5.23 -30.05 2.62
CA VAL B 64 6.08 -28.91 2.30
C VAL B 64 6.89 -28.41 3.49
N THR B 65 6.56 -28.83 4.71
CA THR B 65 7.37 -28.46 5.88
C THR B 65 8.62 -29.34 6.06
N ASP B 66 8.77 -30.40 5.26
CA ASP B 66 9.89 -31.33 5.38
C ASP B 66 10.92 -30.94 4.34
N ARG B 67 11.98 -30.24 4.76
CA ARG B 67 12.98 -29.73 3.80
C ARG B 67 13.68 -30.86 3.06
N ASP B 68 13.90 -31.99 3.72
CA ASP B 68 14.55 -33.12 3.04
C ASP B 68 13.66 -33.66 1.93
N ALA B 69 12.35 -33.78 2.18
CA ALA B 69 11.43 -34.28 1.16
C ALA B 69 11.27 -33.27 0.03
N VAL B 70 11.28 -31.98 0.36
CA VAL B 70 11.20 -30.94 -0.68
C VAL B 70 12.44 -30.99 -1.57
N ALA B 71 13.61 -31.17 -0.97
CA ALA B 71 14.83 -31.25 -1.77
C ALA B 71 14.84 -32.47 -2.67
N ALA B 72 14.37 -33.61 -2.16
CA ALA B 72 14.30 -34.80 -3.00
C ALA B 72 13.41 -34.57 -4.20
N LEU B 73 12.27 -33.90 -4.00
CA LEU B 73 11.38 -33.64 -5.13
C LEU B 73 12.04 -32.70 -6.13
N ALA B 74 12.65 -31.61 -5.64
CA ALA B 74 13.32 -30.68 -6.55
C ALA B 74 14.42 -31.39 -7.34
N ASP B 75 15.16 -32.29 -6.70
CA ASP B 75 16.22 -33.02 -7.41
C ASP B 75 15.63 -33.93 -8.47
N ASP B 76 14.54 -34.62 -8.13
CA ASP B 76 13.86 -35.48 -9.09
C ASP B 76 13.37 -34.67 -10.29
N ILE B 77 12.80 -33.49 -10.04
CA ILE B 77 12.27 -32.68 -11.14
C ILE B 77 13.38 -32.21 -12.06
N LEU B 78 14.48 -31.71 -11.48
CA LEU B 78 15.59 -31.26 -12.31
C LEU B 78 16.17 -32.41 -13.12
N SER B 79 16.29 -33.59 -12.51
CA SER B 79 16.88 -34.73 -13.20
C SER B 79 15.96 -35.27 -14.29
N ARG B 80 14.67 -35.43 -13.98
CA ARG B 80 13.75 -36.04 -14.92
C ARG B 80 13.32 -35.10 -16.04
N PHE B 81 13.19 -33.80 -15.76
CA PHE B 81 12.64 -32.86 -16.73
C PHE B 81 13.58 -31.75 -17.14
N GLY B 82 14.70 -31.55 -16.44
CA GLY B 82 15.65 -30.52 -16.80
C GLY B 82 15.28 -29.11 -16.36
N GLY B 83 14.11 -28.92 -15.77
CA GLY B 83 13.69 -27.60 -15.34
C GLY B 83 12.23 -27.62 -14.92
N LEU B 84 11.76 -26.45 -14.50
CA LEU B 84 10.36 -26.30 -14.10
C LEU B 84 9.85 -24.97 -14.62
N ASP B 85 8.72 -25.00 -15.33
CA ASP B 85 8.22 -23.78 -15.95
C ASP B 85 7.36 -22.95 -15.02
N VAL B 86 6.57 -23.57 -14.15
CA VAL B 86 5.70 -22.83 -13.23
C VAL B 86 5.68 -23.55 -11.89
N LEU B 87 5.88 -22.81 -10.80
CA LEU B 87 5.64 -23.30 -9.45
C LEU B 87 4.47 -22.51 -8.86
N VAL B 88 3.46 -23.23 -8.38
CA VAL B 88 2.32 -22.62 -7.69
C VAL B 88 2.36 -23.07 -6.24
N ASN B 89 2.68 -22.14 -5.32
CA ASN B 89 2.70 -22.45 -3.89
C ASN B 89 1.30 -22.27 -3.35
N ASN B 90 0.53 -23.36 -3.33
CA ASN B 90 -0.87 -23.29 -2.93
C ASN B 90 -1.14 -23.97 -1.60
N ALA B 91 -0.31 -24.93 -1.21
CA ALA B 91 -0.53 -25.65 0.04
C ALA B 91 -0.65 -24.66 1.19
N GLY B 92 -1.69 -24.82 2.00
CA GLY B 92 -1.93 -23.92 3.11
C GLY B 92 -2.92 -24.50 4.09
N VAL B 93 -2.88 -23.95 5.32
CA VAL B 93 -3.83 -24.31 6.36
C VAL B 93 -4.31 -23.04 7.03
N ALA B 94 -5.33 -23.19 7.88
CA ALA B 94 -5.87 -22.07 8.64
C ALA B 94 -6.16 -22.57 10.05
N GLY B 95 -6.70 -21.69 10.88
CA GLY B 95 -7.00 -22.07 12.24
C GLY B 95 -7.85 -21.00 12.89
N ARG B 96 -8.25 -21.27 14.12
CA ARG B 96 -9.13 -20.37 14.85
C ARG B 96 -8.52 -20.11 16.22
N ALA B 97 -8.23 -18.83 16.49
CA ALA B 97 -7.76 -18.39 17.81
C ALA B 97 -7.58 -16.88 17.84
N ALA B 98 -8.06 -16.23 18.90
CA ALA B 98 -7.73 -14.84 19.09
C ALA B 98 -6.33 -14.71 19.67
N PHE B 99 -5.72 -13.55 19.45
CA PHE B 99 -4.33 -13.34 19.86
C PHE B 99 -4.15 -13.50 21.37
N ASP B 100 -5.16 -13.11 22.17
CA ASP B 100 -5.03 -13.19 23.62
C ASP B 100 -5.37 -14.57 24.18
N GLN B 101 -5.47 -15.58 23.35
CA GLN B 101 -5.78 -16.90 23.87
C GLN B 101 -4.54 -17.79 23.86
N PRO B 102 -4.38 -18.68 24.84
CA PRO B 102 -3.26 -19.63 24.81
C PRO B 102 -3.22 -20.45 23.53
N GLU B 103 -4.38 -20.79 22.97
CA GLU B 103 -4.43 -21.60 21.75
C GLU B 103 -3.80 -20.89 20.56
N ALA B 104 -3.62 -19.56 20.62
CA ALA B 104 -3.05 -18.86 19.47
C ALA B 104 -1.65 -19.35 19.15
N VAL B 105 -0.91 -19.87 20.13
CA VAL B 105 0.47 -20.27 19.89
C VAL B 105 0.51 -21.50 18.99
N GLU B 106 -0.25 -22.55 19.33
CA GLU B 106 -0.26 -23.75 18.49
C GLU B 106 -0.78 -23.44 17.09
N VAL B 107 -1.81 -22.60 17.00
CA VAL B 107 -2.35 -22.23 15.70
C VAL B 107 -1.29 -21.46 14.92
N TRP B 108 -0.64 -20.50 15.58
CA TRP B 108 0.42 -19.73 14.94
C TRP B 108 1.50 -20.65 14.36
N ASP B 109 2.03 -21.55 15.18
CA ASP B 109 3.13 -22.40 14.71
C ASP B 109 2.70 -23.26 13.54
N ARG B 110 1.51 -23.84 13.63
CA ARG B 110 1.02 -24.71 12.57
C ARG B 110 0.83 -23.93 11.27
N VAL B 111 0.19 -22.75 11.37
CA VAL B 111 -0.17 -22.01 10.15
C VAL B 111 1.05 -21.36 9.53
N ILE B 112 1.88 -20.70 10.35
CA ILE B 112 3.16 -20.18 9.83
C ILE B 112 3.97 -21.31 9.18
N GLY B 113 3.94 -22.50 9.77
CA GLY B 113 4.79 -23.59 9.29
C GLY B 113 4.47 -24.02 7.86
N VAL B 114 3.19 -24.17 7.54
CA VAL B 114 2.80 -24.56 6.18
C VAL B 114 2.81 -23.35 5.26
N ASN B 115 2.13 -22.27 5.67
CA ASN B 115 1.81 -21.18 4.76
C ASN B 115 3.02 -20.33 4.41
N LEU B 116 3.93 -20.12 5.36
CA LEU B 116 5.12 -19.33 5.11
C LEU B 116 6.35 -20.21 4.97
N GLU B 117 6.65 -21.03 5.98
CA GLU B 117 7.88 -21.80 5.94
C GLU B 117 7.84 -22.85 4.83
N GLY B 118 6.67 -23.45 4.60
CA GLY B 118 6.55 -24.40 3.50
C GLY B 118 6.74 -23.74 2.15
N ALA B 119 6.13 -22.57 1.94
CA ALA B 119 6.33 -21.85 0.70
C ALA B 119 7.79 -21.46 0.50
N PHE B 120 8.47 -21.04 1.57
CA PHE B 120 9.90 -20.77 1.45
C PHE B 120 10.66 -22.02 1.03
N ASN B 121 10.41 -23.15 1.71
CA ASN B 121 11.13 -24.39 1.40
C ASN B 121 11.03 -24.74 -0.08
N VAL B 122 9.81 -24.77 -0.60
CA VAL B 122 9.59 -25.19 -1.98
C VAL B 122 10.20 -24.16 -2.94
N SER B 123 9.94 -22.87 -2.68
CA SER B 123 10.47 -21.81 -3.54
C SER B 123 11.99 -21.87 -3.62
N HIS B 124 12.66 -21.91 -2.46
CA HIS B 124 14.11 -21.93 -2.47
C HIS B 124 14.65 -23.17 -3.15
N ALA B 125 14.04 -24.34 -2.87
CA ALA B 125 14.59 -25.58 -3.42
C ALA B 125 14.44 -25.68 -4.93
N LEU B 126 13.39 -25.07 -5.50
CA LEU B 126 13.11 -25.18 -6.93
CA LEU B 126 13.13 -25.20 -6.93
C LEU B 126 13.85 -24.15 -7.77
N VAL B 127 14.62 -23.26 -7.15
CA VAL B 127 15.29 -22.21 -7.92
C VAL B 127 16.17 -22.79 -9.03
N PRO B 128 17.03 -23.78 -8.79
CA PRO B 128 17.80 -24.34 -9.91
C PRO B 128 16.91 -24.78 -11.07
N ALA B 129 15.81 -25.47 -10.78
CA ALA B 129 14.93 -25.92 -11.87
C ALA B 129 14.25 -24.72 -12.55
N LEU B 130 13.84 -23.73 -11.77
CA LEU B 130 13.21 -22.55 -12.38
C LEU B 130 14.19 -21.77 -13.23
N LYS B 131 15.45 -21.69 -12.80
CA LYS B 131 16.47 -20.99 -13.59
C LYS B 131 16.68 -21.67 -14.93
N ALA B 132 16.70 -23.00 -14.94
CA ALA B 132 17.01 -23.73 -16.16
C ALA B 132 15.94 -23.51 -17.21
N ALA B 133 14.67 -23.41 -16.79
CA ALA B 133 13.55 -23.22 -17.68
C ALA B 133 13.15 -21.76 -17.83
N LYS B 134 13.78 -20.84 -17.08
CA LYS B 134 13.28 -19.47 -16.92
C LYS B 134 11.78 -19.50 -16.63
N GLY B 135 11.42 -20.28 -15.61
CA GLY B 135 10.03 -20.40 -15.23
C GLY B 135 9.61 -19.25 -14.33
N ASN B 136 8.38 -19.34 -13.82
CA ASN B 136 7.88 -18.31 -12.91
C ASN B 136 7.17 -18.96 -11.73
N VAL B 137 6.93 -18.17 -10.70
CA VAL B 137 6.34 -18.62 -9.44
C VAL B 137 5.06 -17.83 -9.21
N VAL B 138 4.01 -18.52 -8.77
CA VAL B 138 2.79 -17.85 -8.30
C VAL B 138 2.51 -18.35 -6.89
N HIS B 139 2.52 -17.44 -5.92
CA HIS B 139 2.12 -17.79 -4.56
C HIS B 139 0.63 -17.56 -4.33
N LEU B 140 0.04 -18.32 -3.42
CA LEU B 140 -1.32 -18.06 -2.98
C LEU B 140 -1.25 -17.14 -1.76
N CYS B 141 -1.49 -15.85 -1.97
CA CYS B 141 -1.61 -14.89 -0.87
C CYS B 141 -3.06 -14.88 -0.41
N SER B 142 -3.56 -13.73 0.08
CA SER B 142 -4.94 -13.59 0.56
C SER B 142 -5.20 -12.10 0.76
N VAL B 143 -6.49 -11.72 0.76
CA VAL B 143 -6.79 -10.38 1.21
C VAL B 143 -6.25 -10.15 2.63
N ALA B 144 -6.09 -11.23 3.41
CA ALA B 144 -5.55 -11.10 4.76
C ALA B 144 -4.07 -10.76 4.77
N GLY B 145 -3.38 -10.78 3.62
CA GLY B 145 -2.06 -10.21 3.50
C GLY B 145 -2.01 -8.71 3.43
N PHE B 146 -3.16 -8.05 3.38
CA PHE B 146 -3.27 -6.59 3.29
C PHE B 146 -4.01 -5.97 4.47
N VAL B 147 -4.98 -6.68 5.05
CA VAL B 147 -5.74 -6.24 6.21
C VAL B 147 -5.95 -7.44 7.12
N SER B 148 -6.35 -7.18 8.36
CA SER B 148 -6.49 -8.31 9.30
C SER B 148 -7.73 -9.14 9.00
N GLY B 149 -8.80 -8.52 8.48
CA GLY B 149 -10.02 -9.26 8.20
C GLY B 149 -10.50 -10.05 9.40
N GLY B 150 -10.86 -11.31 9.17
CA GLY B 150 -11.38 -12.13 10.26
C GLY B 150 -10.54 -13.34 10.57
N SER B 151 -9.36 -13.44 9.96
CA SER B 151 -8.52 -14.63 10.09
C SER B 151 -7.65 -14.57 11.35
N THR B 152 -7.19 -15.75 11.77
CA THR B 152 -6.34 -15.83 12.96
C THR B 152 -4.98 -15.19 12.68
N ALA B 153 -4.32 -14.75 13.77
CA ALA B 153 -3.05 -14.03 13.65
C ALA B 153 -2.04 -14.77 12.78
N GLY B 154 -1.87 -16.08 13.04
CA GLY B 154 -0.92 -16.85 12.27
C GLY B 154 -1.22 -16.84 10.78
N TYR B 155 -2.51 -16.88 10.42
CA TYR B 155 -2.90 -16.81 9.01
C TYR B 155 -2.60 -15.44 8.43
N VAL B 156 -3.07 -14.38 9.10
CA VAL B 156 -2.85 -13.02 8.63
C VAL B 156 -1.36 -12.78 8.41
N VAL B 157 -0.55 -13.11 9.42
CA VAL B 157 0.88 -12.88 9.32
C VAL B 157 1.49 -13.72 8.22
N SER B 158 1.06 -14.97 8.07
CA SER B 158 1.65 -15.80 7.03
C SER B 158 1.40 -15.22 5.64
N LYS B 159 0.24 -14.59 5.44
CA LYS B 159 -0.07 -14.07 4.11
C LYS B 159 0.59 -12.73 3.86
N GLY B 160 0.70 -11.87 4.88
CA GLY B 160 1.53 -10.69 4.73
C GLY B 160 2.98 -11.03 4.46
N ALA B 161 3.46 -12.13 5.08
CA ALA B 161 4.82 -12.57 4.81
C ALA B 161 4.97 -13.05 3.37
N ILE B 162 3.94 -13.74 2.86
CA ILE B 162 3.93 -14.17 1.45
C ILE B 162 3.98 -12.97 0.52
N ARG B 163 3.23 -11.93 0.85
CA ARG B 163 3.29 -10.70 0.06
C ARG B 163 4.73 -10.19 -0.05
N SER B 164 5.43 -10.12 1.10
CA SER B 164 6.82 -9.67 1.07
C SER B 164 7.73 -10.67 0.39
N LEU B 165 7.49 -11.96 0.62
CA LEU B 165 8.28 -12.99 -0.05
C LEU B 165 8.18 -12.84 -1.56
N THR B 166 6.97 -12.53 -2.06
CA THR B 166 6.80 -12.28 -3.48
C THR B 166 7.76 -11.20 -3.98
N GLN B 167 7.90 -10.12 -3.21
CA GLN B 167 8.69 -8.98 -3.65
C GLN B 167 10.17 -9.31 -3.67
N VAL B 168 10.69 -9.92 -2.59
CA VAL B 168 12.12 -10.13 -2.54
C VAL B 168 12.55 -11.31 -3.44
N MET B 169 11.70 -12.34 -3.61
CA MET B 169 12.01 -13.35 -4.62
C MET B 169 12.06 -12.71 -6.01
N ALA B 170 11.10 -11.85 -6.33
CA ALA B 170 11.10 -11.21 -7.64
C ALA B 170 12.41 -10.46 -7.86
N ARG B 171 12.85 -9.71 -6.85
CA ARG B 171 14.11 -8.96 -6.97
C ARG B 171 15.29 -9.88 -7.24
N ASP B 172 15.45 -10.93 -6.43
CA ASP B 172 16.65 -11.76 -6.54
C ASP B 172 16.61 -12.69 -7.75
N LEU B 173 15.44 -13.03 -8.25
CA LEU B 173 15.36 -13.97 -9.37
C LEU B 173 15.15 -13.29 -10.73
N ALA B 174 14.75 -12.01 -10.76
CA ALA B 174 14.68 -11.29 -12.03
C ALA B 174 15.93 -11.41 -12.90
N PRO B 175 17.16 -11.31 -12.39
CA PRO B 175 18.33 -11.46 -13.29
C PRO B 175 18.41 -12.82 -13.93
N HIS B 176 17.69 -13.82 -13.41
CA HIS B 176 17.68 -15.15 -13.98
C HIS B 176 16.46 -15.42 -14.85
N GLY B 177 15.69 -14.38 -15.18
CA GLY B 177 14.53 -14.56 -16.05
C GLY B 177 13.31 -15.17 -15.39
N ILE B 178 13.23 -15.13 -14.05
CA ILE B 178 12.16 -15.77 -13.30
C ILE B 178 11.24 -14.69 -12.73
N ARG B 179 9.99 -14.68 -13.16
CA ARG B 179 8.99 -13.80 -12.57
C ARG B 179 8.43 -14.44 -11.30
N VAL B 180 8.06 -13.60 -10.33
CA VAL B 180 7.45 -14.10 -9.10
C VAL B 180 6.26 -13.18 -8.75
N ASN B 181 5.07 -13.76 -8.65
CA ASN B 181 3.85 -13.00 -8.39
C ASN B 181 2.98 -13.80 -7.43
N ALA B 182 1.82 -13.22 -7.06
CA ALA B 182 0.88 -13.91 -6.19
C ALA B 182 -0.54 -13.45 -6.51
N VAL B 183 -1.52 -14.31 -6.22
CA VAL B 183 -2.91 -13.89 -6.18
C VAL B 183 -3.31 -13.75 -4.73
N ALA B 184 -4.19 -12.79 -4.43
CA ALA B 184 -4.73 -12.60 -3.09
C ALA B 184 -6.24 -12.82 -3.15
N PRO B 185 -6.71 -14.05 -2.95
CA PRO B 185 -8.16 -14.29 -3.03
C PRO B 185 -8.89 -13.73 -1.81
N GLY B 186 -10.14 -13.33 -2.05
CA GLY B 186 -11.11 -13.19 -0.99
C GLY B 186 -11.62 -14.56 -0.62
N ILE B 187 -12.86 -14.65 -0.16
CA ILE B 187 -13.41 -15.97 0.17
C ILE B 187 -13.80 -16.69 -1.13
N MET B 188 -13.33 -17.93 -1.27
CA MET B 188 -13.55 -18.72 -2.47
C MET B 188 -14.39 -19.95 -2.13
N MET B 189 -15.06 -20.47 -3.15
CA MET B 189 -15.75 -21.75 -3.03
C MET B 189 -14.79 -22.86 -2.68
N SER B 190 -14.72 -23.25 -1.42
CA SER B 190 -13.80 -24.27 -0.93
C SER B 190 -14.20 -24.61 0.49
N GLU B 191 -13.34 -25.31 1.22
CA GLU B 191 -13.55 -25.48 2.66
C GLU B 191 -13.60 -24.10 3.28
N MET B 192 -14.82 -23.61 3.54
CA MET B 192 -15.04 -22.25 4.02
C MET B 192 -16.44 -22.11 4.60
N THR B 203 -17.70 -15.14 8.14
CA THR B 203 -18.11 -14.87 6.75
C THR B 203 -18.57 -13.42 6.58
N ASP B 204 -19.24 -12.87 7.59
CA ASP B 204 -19.71 -11.49 7.51
C ASP B 204 -18.55 -10.52 7.31
N TRP B 205 -17.40 -10.76 7.98
CA TRP B 205 -16.25 -9.88 7.84
C TRP B 205 -15.94 -9.63 6.38
N PHE B 206 -16.17 -10.63 5.52
CA PHE B 206 -15.98 -10.51 4.08
C PHE B 206 -17.24 -9.97 3.41
N MET B 207 -18.40 -10.62 3.64
CA MET B 207 -19.59 -10.33 2.83
C MET B 207 -20.10 -8.91 3.03
N ASN B 208 -19.90 -8.32 4.22
CA ASN B 208 -20.30 -6.94 4.41
C ASN B 208 -19.52 -5.99 3.52
N ARG B 209 -18.36 -6.43 3.02
CA ARG B 209 -17.43 -5.54 2.33
C ARG B 209 -17.23 -5.89 0.86
N VAL B 210 -17.46 -7.14 0.46
CA VAL B 210 -17.27 -7.53 -0.94
C VAL B 210 -18.23 -6.76 -1.82
N MET B 211 -17.70 -6.05 -2.80
CA MET B 211 -18.56 -5.25 -3.67
C MET B 211 -19.51 -6.12 -4.46
N MET B 212 -19.05 -7.29 -4.90
CA MET B 212 -19.90 -8.13 -5.73
C MET B 212 -20.88 -8.98 -4.91
N LYS B 213 -20.81 -8.93 -3.58
CA LYS B 213 -21.83 -9.54 -2.71
C LYS B 213 -21.97 -11.05 -2.98
N ARG B 214 -20.86 -11.69 -3.30
CA ARG B 214 -20.88 -13.13 -3.51
C ARG B 214 -19.50 -13.69 -3.20
N ILE B 215 -19.47 -15.00 -2.93
CA ILE B 215 -18.22 -15.73 -2.88
C ILE B 215 -17.68 -15.93 -4.30
N GLY B 216 -16.36 -15.93 -4.44
CA GLY B 216 -15.77 -16.26 -5.72
C GLY B 216 -15.91 -17.73 -6.07
N GLU B 217 -16.12 -18.00 -7.35
CA GLU B 217 -16.05 -19.37 -7.84
C GLU B 217 -14.59 -19.79 -7.93
N THR B 218 -14.35 -21.10 -7.83
CA THR B 218 -12.97 -21.57 -7.88
CA THR B 218 -12.97 -21.60 -7.89
C THR B 218 -12.32 -21.22 -9.22
N SER B 219 -13.08 -21.33 -10.32
CA SER B 219 -12.55 -21.00 -11.64
C SER B 219 -12.08 -19.55 -11.71
N GLU B 220 -12.65 -18.67 -10.89
CA GLU B 220 -12.29 -17.26 -10.91
C GLU B 220 -10.98 -16.96 -10.19
N VAL B 221 -10.44 -17.91 -9.44
CA VAL B 221 -9.06 -17.81 -8.97
C VAL B 221 -8.11 -18.53 -9.92
N VAL B 222 -8.58 -19.60 -10.57
CA VAL B 222 -7.74 -20.32 -11.53
C VAL B 222 -7.34 -19.41 -12.67
N ASP B 223 -8.29 -18.68 -13.25
CA ASP B 223 -7.96 -17.86 -14.42
C ASP B 223 -6.89 -16.81 -14.11
N PRO B 224 -6.95 -16.07 -13.00
CA PRO B 224 -5.87 -15.13 -12.70
C PRO B 224 -4.53 -15.81 -12.43
N VAL B 225 -4.54 -17.00 -11.84
CA VAL B 225 -3.27 -17.71 -11.64
C VAL B 225 -2.66 -18.08 -12.98
N VAL B 226 -3.49 -18.58 -13.90
CA VAL B 226 -3.00 -18.95 -15.23
C VAL B 226 -2.47 -17.72 -15.96
N PHE B 227 -3.19 -16.61 -15.84
CA PHE B 227 -2.74 -15.36 -16.45
C PHE B 227 -1.34 -14.97 -15.96
N LEU B 228 -1.15 -14.90 -14.64
CA LEU B 228 0.14 -14.54 -14.08
C LEU B 228 1.24 -15.54 -14.48
N ALA B 229 0.88 -16.82 -14.64
CA ALA B 229 1.87 -17.81 -15.03
C ALA B 229 2.20 -17.79 -16.51
N SER B 230 1.52 -16.98 -17.30
CA SER B 230 1.55 -17.03 -18.75
C SER B 230 2.31 -15.85 -19.34
N PRO B 231 2.66 -15.93 -20.63
CA PRO B 231 3.30 -14.78 -21.28
C PRO B 231 2.45 -13.52 -21.32
N MET B 232 1.14 -13.61 -21.07
CA MET B 232 0.35 -12.38 -20.96
C MET B 232 0.88 -11.49 -19.86
N ALA B 233 1.51 -12.08 -18.85
CA ALA B 233 2.06 -11.36 -17.71
C ALA B 233 3.58 -11.21 -17.79
N SER B 234 4.14 -11.16 -19.00
CA SER B 234 5.59 -11.21 -19.16
C SER B 234 6.31 -9.96 -18.61
N TYR B 235 5.59 -8.86 -18.35
CA TYR B 235 6.19 -7.69 -17.74
C TYR B 235 5.67 -7.46 -16.31
N ILE B 236 5.10 -8.49 -15.70
CA ILE B 236 4.56 -8.43 -14.36
C ILE B 236 5.41 -9.30 -13.45
N THR B 237 6.05 -8.68 -12.46
CA THR B 237 6.74 -9.45 -11.43
C THR B 237 6.70 -8.67 -10.12
N GLY B 238 6.84 -9.40 -9.01
CA GLY B 238 6.78 -8.81 -7.69
C GLY B 238 5.41 -8.33 -7.29
N THR B 239 4.38 -8.76 -8.01
CA THR B 239 3.05 -8.18 -7.90
C THR B 239 2.10 -9.13 -7.19
N ILE B 240 1.19 -8.58 -6.39
CA ILE B 240 0.16 -9.38 -5.73
C ILE B 240 -1.18 -8.89 -6.23
N LEU B 241 -1.92 -9.77 -6.91
CA LEU B 241 -3.15 -9.39 -7.57
C LEU B 241 -4.35 -9.79 -6.73
N PRO B 242 -5.12 -8.84 -6.19
CA PRO B 242 -6.34 -9.22 -5.48
C PRO B 242 -7.36 -9.84 -6.42
N VAL B 243 -7.97 -10.94 -6.00
CA VAL B 243 -9.07 -11.60 -6.71
C VAL B 243 -10.18 -11.75 -5.68
N ASP B 244 -10.91 -10.66 -5.42
CA ASP B 244 -11.60 -10.52 -4.15
C ASP B 244 -12.96 -9.86 -4.27
N GLY B 245 -13.52 -9.77 -5.47
CA GLY B 245 -14.83 -9.14 -5.63
C GLY B 245 -14.91 -7.70 -5.17
N GLY B 246 -13.76 -7.03 -5.04
CA GLY B 246 -13.75 -5.64 -4.59
C GLY B 246 -13.48 -5.45 -3.11
N PHE B 247 -13.22 -6.53 -2.37
CA PHE B 247 -13.12 -6.44 -0.92
C PHE B 247 -12.10 -5.39 -0.49
N LEU B 248 -10.89 -5.45 -1.04
CA LEU B 248 -9.81 -4.55 -0.61
C LEU B 248 -10.04 -3.11 -1.05
N ALA B 249 -10.87 -2.88 -2.06
CA ALA B 249 -11.15 -1.52 -2.50
C ALA B 249 -12.31 -0.88 -1.74
N ALA B 250 -13.02 -1.65 -0.92
CA ALA B 250 -14.16 -1.15 -0.18
C ALA B 250 -13.77 -0.50 1.14
N MET C 1 3.73 21.51 26.91
CA MET C 1 4.37 21.20 25.64
C MET C 1 4.48 22.41 24.73
N GLU C 2 5.60 22.50 24.01
CA GLU C 2 5.91 23.64 23.16
C GLU C 2 6.43 23.15 21.81
N LEU C 3 5.76 22.16 21.21
CA LEU C 3 6.28 21.55 20.00
C LEU C 3 6.34 22.50 18.83
N LEU C 4 5.59 23.61 18.88
CA LEU C 4 5.57 24.58 17.79
C LEU C 4 5.97 25.97 18.28
N LYS C 5 6.92 26.02 19.22
CA LYS C 5 7.20 27.27 19.92
C LYS C 5 7.70 28.34 18.96
N GLU C 6 6.99 29.46 18.93
CA GLU C 6 7.29 30.64 18.11
C GLU C 6 7.19 30.36 16.61
N LYS C 7 6.56 29.27 16.23
CA LYS C 7 6.36 28.96 14.82
C LYS C 7 5.11 29.65 14.29
N LEU C 8 5.18 30.11 13.04
CA LEU C 8 4.03 30.71 12.37
C LEU C 8 3.29 29.62 11.59
N VAL C 9 2.01 29.43 11.92
CA VAL C 9 1.20 28.35 11.38
C VAL C 9 0.00 28.93 10.67
N LEU C 10 -0.21 28.54 9.41
CA LEU C 10 -1.40 28.88 8.65
C LEU C 10 -2.31 27.67 8.53
N VAL C 11 -3.58 27.83 8.91
CA VAL C 11 -4.57 26.75 8.87
C VAL C 11 -5.72 27.20 7.99
N THR C 12 -5.95 26.48 6.88
CA THR C 12 -7.10 26.83 6.05
C THR C 12 -8.32 26.09 6.56
N GLY C 13 -9.50 26.67 6.31
CA GLY C 13 -10.72 26.11 6.87
C GLY C 13 -10.79 26.17 8.38
N ALA C 14 -10.27 27.25 8.98
CA ALA C 14 -10.13 27.29 10.42
C ALA C 14 -11.34 27.85 11.14
N GLY C 15 -12.45 28.07 10.42
CA GLY C 15 -13.61 28.68 11.05
C GLY C 15 -14.36 27.75 11.98
N ARG C 16 -14.22 26.44 11.81
CA ARG C 16 -14.95 25.50 12.64
C ARG C 16 -14.30 24.13 12.52
N GLY C 17 -14.82 23.17 13.27
CA GLY C 17 -14.42 21.78 13.07
C GLY C 17 -12.95 21.55 13.33
N LEU C 18 -12.35 20.66 12.52
CA LEU C 18 -10.98 20.25 12.76
C LEU C 18 -10.03 21.42 12.60
N GLY C 19 -10.30 22.30 11.63
CA GLY C 19 -9.40 23.42 11.39
C GLY C 19 -9.31 24.36 12.58
N ALA C 20 -10.46 24.67 13.17
CA ALA C 20 -10.44 25.50 14.38
C ALA C 20 -9.73 24.77 15.51
N ALA C 21 -9.98 23.46 15.65
CA ALA C 21 -9.33 22.69 16.69
C ALA C 21 -7.83 22.60 16.47
N ILE C 22 -7.39 22.42 15.22
CA ILE C 22 -5.96 22.44 14.90
C ILE C 22 -5.35 23.82 15.21
N SER C 23 -6.08 24.89 14.88
CA SER C 23 -5.60 26.23 15.19
C SER C 23 -5.43 26.42 16.68
N SER C 24 -6.44 26.02 17.46
CA SER C 24 -6.34 26.15 18.91
C SER C 24 -5.20 25.29 19.47
N GLY C 25 -5.06 24.06 18.96
CA GLY C 25 -4.02 23.18 19.47
C GLY C 25 -2.62 23.66 19.12
N ALA C 26 -2.45 24.24 17.94
CA ALA C 26 -1.15 24.79 17.58
C ALA C 26 -0.79 25.95 18.49
N ALA C 27 -1.73 26.84 18.76
CA ALA C 27 -1.49 27.93 19.71
C ALA C 27 -1.12 27.39 21.08
N GLU C 28 -1.79 26.34 21.55
CA GLU C 28 -1.44 25.76 22.84
C GLU C 28 -0.03 25.20 22.84
N GLN C 29 0.45 24.77 21.68
CA GLN C 29 1.82 24.29 21.53
C GLN C 29 2.80 25.42 21.20
N GLY C 30 2.38 26.68 21.35
CA GLY C 30 3.30 27.80 21.23
C GLY C 30 3.31 28.53 19.91
N ALA C 31 2.48 28.13 18.94
CA ALA C 31 2.49 28.75 17.63
C ALA C 31 1.74 30.07 17.62
N ARG C 32 2.17 30.97 16.73
CA ARG C 32 1.35 32.08 16.25
C ARG C 32 0.58 31.57 15.05
N VAL C 33 -0.73 31.85 14.99
CA VAL C 33 -1.61 31.16 14.05
C VAL C 33 -2.31 32.16 13.16
N ILE C 34 -2.33 31.87 11.86
CA ILE C 34 -3.16 32.60 10.90
C ILE C 34 -4.31 31.68 10.53
N LEU C 35 -5.53 32.09 10.86
CA LEU C 35 -6.72 31.28 10.62
C LEU C 35 -7.46 31.85 9.42
N VAL C 36 -7.69 31.02 8.39
CA VAL C 36 -8.42 31.50 7.22
C VAL C 36 -9.53 30.53 6.86
N ASP C 37 -10.62 31.07 6.34
CA ASP C 37 -11.81 30.30 6.01
C ASP C 37 -12.58 31.08 4.95
N ILE C 38 -13.38 30.37 4.16
CA ILE C 38 -14.28 31.08 3.25
C ILE C 38 -15.27 31.91 4.05
N ASP C 39 -15.60 31.47 5.27
CA ASP C 39 -16.43 32.24 6.21
C ASP C 39 -15.45 33.04 7.05
N GLY C 40 -15.14 34.25 6.58
CA GLY C 40 -14.20 35.10 7.31
C GLY C 40 -14.69 35.45 8.71
N THR C 41 -15.99 35.64 8.87
CA THR C 41 -16.55 35.93 10.19
C THR C 41 -16.20 34.83 11.18
N ALA C 42 -16.38 33.58 10.77
CA ALA C 42 -16.02 32.44 11.61
C ALA C 42 -14.53 32.41 11.91
N ALA C 43 -13.69 32.65 10.90
CA ALA C 43 -12.24 32.63 11.14
C ALA C 43 -11.85 33.70 12.14
N LYS C 44 -12.40 34.91 11.99
CA LYS C 44 -12.08 35.98 12.93
C LYS C 44 -12.64 35.68 14.32
N ALA C 45 -13.79 35.02 14.39
CA ALA C 45 -14.34 34.65 15.69
C ALA C 45 -13.42 33.68 16.41
N GLN C 46 -12.92 32.67 15.70
CA GLN C 46 -11.97 31.74 16.30
C GLN C 46 -10.68 32.46 16.68
N ALA C 47 -10.17 33.32 15.81
CA ALA C 47 -8.92 34.01 16.11
C ALA C 47 -9.07 34.92 17.32
N ASP C 48 -10.19 35.64 17.39
CA ASP C 48 -10.38 36.55 18.51
C ASP C 48 -10.49 35.79 19.83
N ALA C 49 -11.03 34.57 19.80
CA ALA C 49 -11.07 33.77 21.02
C ALA C 49 -9.68 33.37 21.48
N LEU C 50 -8.81 32.99 20.54
CA LEU C 50 -7.43 32.69 20.87
C LEU C 50 -6.73 33.93 21.42
N THR C 51 -6.87 35.06 20.73
CA THR C 51 -6.30 36.31 21.21
C THR C 51 -6.76 36.63 22.63
N ALA C 52 -8.06 36.40 22.92
CA ALA C 52 -8.57 36.69 24.25
C ALA C 52 -7.91 35.83 25.32
N LYS C 53 -7.31 34.71 24.95
CA LYS C 53 -6.58 33.87 25.88
C LYS C 53 -5.09 34.23 25.94
N GLY C 54 -4.68 35.33 25.32
CA GLY C 54 -3.29 35.72 25.31
C GLY C 54 -2.45 35.06 24.24
N PHE C 55 -3.05 34.27 23.35
CA PHE C 55 -2.32 33.75 22.21
C PHE C 55 -2.17 34.83 21.14
N VAL C 56 -1.27 34.58 20.20
CA VAL C 56 -1.09 35.46 19.05
C VAL C 56 -1.78 34.79 17.86
N ALA C 57 -2.84 35.42 17.36
CA ALA C 57 -3.63 34.81 16.29
C ALA C 57 -4.38 35.89 15.53
N GLU C 58 -4.65 35.61 14.25
CA GLU C 58 -5.43 36.50 13.41
C GLU C 58 -6.26 35.66 12.45
N GLY C 59 -7.35 36.25 11.96
CA GLY C 59 -8.26 35.55 11.07
C GLY C 59 -8.65 36.38 9.87
N HIS C 60 -8.87 35.68 8.75
CA HIS C 60 -9.17 36.34 7.48
C HIS C 60 -10.10 35.46 6.65
N ALA C 61 -10.89 36.10 5.79
CA ALA C 61 -11.59 35.37 4.75
C ALA C 61 -10.61 34.93 3.67
N LEU C 62 -10.74 33.67 3.24
CA LEU C 62 -9.99 33.17 2.09
C LEU C 62 -10.79 32.06 1.45
N ASP C 63 -11.08 32.20 0.16
CA ASP C 63 -11.59 31.12 -0.66
C ASP C 63 -10.40 30.44 -1.33
N VAL C 64 -10.10 29.20 -0.92
CA VAL C 64 -8.91 28.53 -1.47
C VAL C 64 -9.04 28.24 -2.95
N THR C 65 -10.23 28.32 -3.53
CA THR C 65 -10.38 28.11 -4.98
C THR C 65 -10.11 29.36 -5.79
N ASP C 66 -9.85 30.49 -5.15
CA ASP C 66 -9.60 31.77 -5.82
C ASP C 66 -8.09 31.98 -5.84
N ARG C 67 -7.46 31.69 -6.99
CA ARG C 67 -6.00 31.79 -7.08
C ARG C 67 -5.49 33.21 -6.83
N ASP C 68 -6.25 34.23 -7.24
CA ASP C 68 -5.79 35.60 -6.99
C ASP C 68 -5.77 35.91 -5.49
N ALA C 69 -6.80 35.49 -4.76
CA ALA C 69 -6.87 35.72 -3.33
C ALA C 69 -5.81 34.92 -2.59
N VAL C 70 -5.51 33.70 -3.06
CA VAL C 70 -4.47 32.90 -2.44
C VAL C 70 -3.10 33.56 -2.63
N ALA C 71 -2.82 34.05 -3.83
CA ALA C 71 -1.58 34.75 -4.08
C ALA C 71 -1.46 35.99 -3.20
N ALA C 72 -2.55 36.74 -3.06
CA ALA C 72 -2.52 37.93 -2.21
C ALA C 72 -2.14 37.56 -0.77
N LEU C 73 -2.77 36.50 -0.24
CA LEU C 73 -2.43 36.08 1.12
C LEU C 73 -0.98 35.62 1.21
N ALA C 74 -0.49 34.94 0.18
CA ALA C 74 0.89 34.48 0.19
C ALA C 74 1.87 35.66 0.20
N ASP C 75 1.62 36.66 -0.65
CA ASP C 75 2.45 37.87 -0.66
C ASP C 75 2.42 38.57 0.69
N ASP C 76 1.22 38.64 1.29
CA ASP C 76 1.07 39.31 2.59
C ASP C 76 1.88 38.61 3.67
N ILE C 77 1.81 37.27 3.74
CA ILE C 77 2.55 36.53 4.74
C ILE C 77 4.06 36.73 4.56
N LEU C 78 4.52 36.68 3.30
CA LEU C 78 5.94 36.86 3.04
C LEU C 78 6.40 38.26 3.41
N SER C 79 5.56 39.28 3.17
CA SER C 79 5.97 40.64 3.44
C SER C 79 5.97 40.95 4.93
N ARG C 80 4.94 40.49 5.66
CA ARG C 80 4.87 40.79 7.08
C ARG C 80 5.78 39.90 7.91
N PHE C 81 5.93 38.63 7.52
CA PHE C 81 6.62 37.66 8.35
C PHE C 81 7.90 37.08 7.74
N GLY C 82 8.06 37.15 6.42
CA GLY C 82 9.27 36.63 5.78
C GLY C 82 9.28 35.14 5.55
N GLY C 83 8.27 34.40 6.00
CA GLY C 83 8.28 32.96 5.82
C GLY C 83 7.07 32.38 6.50
N LEU C 84 6.90 31.08 6.31
CA LEU C 84 5.81 30.33 6.95
C LEU C 84 6.38 29.04 7.49
N ASP C 85 6.17 28.77 8.78
CA ASP C 85 6.75 27.57 9.39
C ASP C 85 5.89 26.34 9.15
N VAL C 86 4.56 26.48 9.12
CA VAL C 86 3.67 25.33 8.94
C VAL C 86 2.47 25.75 8.13
N LEU C 87 2.15 24.97 7.10
CA LEU C 87 0.89 25.11 6.37
C LEU C 87 0.03 23.87 6.64
N VAL C 88 -1.19 24.07 7.12
CA VAL C 88 -2.17 23.00 7.29
C VAL C 88 -3.29 23.22 6.28
N ASN C 89 -3.36 22.36 5.26
CA ASN C 89 -4.43 22.39 4.27
C ASN C 89 -5.60 21.57 4.78
N ASN C 90 -6.52 22.24 5.47
CA ASN C 90 -7.64 21.58 6.13
C ASN C 90 -8.98 21.89 5.46
N ALA C 91 -9.11 23.04 4.79
CA ALA C 91 -10.34 23.38 4.10
C ALA C 91 -10.81 22.22 3.22
N GLY C 92 -12.05 21.83 3.37
CA GLY C 92 -12.61 20.76 2.57
C GLY C 92 -14.12 20.80 2.59
N VAL C 93 -14.72 20.14 1.60
CA VAL C 93 -16.16 19.94 1.55
C VAL C 93 -16.41 18.48 1.20
N ALA C 94 -17.66 18.07 1.36
CA ALA C 94 -18.09 16.74 0.98
C ALA C 94 -19.43 16.87 0.27
N GLY C 95 -20.06 15.73 0.02
CA GLY C 95 -21.32 15.72 -0.71
C GLY C 95 -21.86 14.32 -0.72
N ARG C 96 -23.05 14.17 -1.28
CA ARG C 96 -23.72 12.89 -1.36
C ARG C 96 -24.24 12.68 -2.78
N ALA C 97 -23.73 11.64 -3.44
CA ALA C 97 -24.22 11.24 -4.76
C ALA C 97 -23.51 9.97 -5.18
N ALA C 98 -24.26 8.99 -5.67
CA ALA C 98 -23.66 7.81 -6.27
C ALA C 98 -23.11 8.15 -7.64
N PHE C 99 -22.13 7.36 -8.09
CA PHE C 99 -21.46 7.66 -9.34
C PHE C 99 -22.43 7.66 -10.53
N ASP C 100 -23.41 6.76 -10.51
CA ASP C 100 -24.30 6.61 -11.66
C ASP C 100 -25.41 7.66 -11.70
N GLN C 101 -25.40 8.66 -10.77
CA GLN C 101 -26.42 9.71 -10.77
C GLN C 101 -25.91 10.97 -11.44
N PRO C 102 -26.79 11.72 -12.13
CA PRO C 102 -26.37 13.02 -12.68
C PRO C 102 -25.87 13.97 -11.61
N GLU C 103 -26.38 13.85 -10.38
CA GLU C 103 -25.94 14.71 -9.29
C GLU C 103 -24.46 14.55 -9.00
N ALA C 104 -23.86 13.45 -9.44
CA ALA C 104 -22.46 13.20 -9.11
C ALA C 104 -21.54 14.23 -9.76
N VAL C 105 -21.96 14.81 -10.90
CA VAL C 105 -21.08 15.73 -11.61
C VAL C 105 -20.91 17.03 -10.82
N GLU C 106 -22.02 17.64 -10.42
CA GLU C 106 -21.93 18.89 -9.66
C GLU C 106 -21.21 18.65 -8.33
N VAL C 107 -21.53 17.53 -7.65
CA VAL C 107 -20.83 17.20 -6.41
C VAL C 107 -19.34 16.97 -6.68
N TRP C 108 -19.02 16.27 -7.77
CA TRP C 108 -17.62 16.05 -8.10
C TRP C 108 -16.90 17.38 -8.31
N ASP C 109 -17.47 18.25 -9.13
CA ASP C 109 -16.82 19.54 -9.40
C ASP C 109 -16.59 20.33 -8.12
N ARG C 110 -17.59 20.36 -7.23
CA ARG C 110 -17.46 21.14 -6.00
C ARG C 110 -16.38 20.57 -5.10
N VAL C 111 -16.41 19.25 -4.89
CA VAL C 111 -15.51 18.64 -3.92
C VAL C 111 -14.09 18.62 -4.44
N ILE C 112 -13.91 18.22 -5.71
CA ILE C 112 -12.58 18.31 -6.33
C ILE C 112 -12.07 19.75 -6.21
N GLY C 113 -12.95 20.72 -6.48
CA GLY C 113 -12.53 22.11 -6.51
C GLY C 113 -11.91 22.57 -5.21
N VAL C 114 -12.54 22.22 -4.08
CA VAL C 114 -12.02 22.66 -2.79
C VAL C 114 -10.93 21.72 -2.29
N ASN C 115 -11.19 20.41 -2.32
CA ASN C 115 -10.32 19.47 -1.60
C ASN C 115 -8.99 19.28 -2.31
N LEU C 116 -9.00 19.23 -3.64
CA LEU C 116 -7.76 19.03 -4.40
C LEU C 116 -7.25 20.34 -4.98
N GLU C 117 -8.07 21.03 -5.77
CA GLU C 117 -7.58 22.21 -6.47
C GLU C 117 -7.23 23.33 -5.49
N GLY C 118 -8.03 23.50 -4.45
CA GLY C 118 -7.71 24.52 -3.46
C GLY C 118 -6.45 24.19 -2.69
N ALA C 119 -6.26 22.91 -2.34
CA ALA C 119 -5.04 22.51 -1.64
C ALA C 119 -3.81 22.75 -2.50
N PHE C 120 -3.91 22.45 -3.81
CA PHE C 120 -2.83 22.77 -4.73
C PHE C 120 -2.56 24.28 -4.76
N ASN C 121 -3.61 25.09 -4.88
CA ASN C 121 -3.43 26.54 -4.94
C ASN C 121 -2.64 27.06 -3.74
N VAL C 122 -3.11 26.74 -2.54
CA VAL C 122 -2.44 27.23 -1.33
C VAL C 122 -1.04 26.66 -1.23
N SER C 123 -0.89 25.35 -1.49
CA SER C 123 0.43 24.71 -1.42
C SER C 123 1.40 25.37 -2.38
N HIS C 124 1.00 25.52 -3.64
CA HIS C 124 1.94 26.05 -4.63
C HIS C 124 2.27 27.50 -4.34
N ALA C 125 1.30 28.28 -3.87
CA ALA C 125 1.52 29.71 -3.65
C ALA C 125 2.42 29.96 -2.46
N LEU C 126 2.41 29.08 -1.46
CA LEU C 126 3.16 29.29 -0.23
C LEU C 126 4.57 28.71 -0.28
N VAL C 127 4.98 28.14 -1.41
CA VAL C 127 6.34 27.58 -1.51
C VAL C 127 7.42 28.61 -1.17
N PRO C 128 7.42 29.83 -1.73
CA PRO C 128 8.49 30.78 -1.35
C PRO C 128 8.55 31.02 0.15
N ALA C 129 7.40 31.19 0.82
CA ALA C 129 7.40 31.41 2.26
C ALA C 129 7.89 30.18 3.01
N LEU C 130 7.44 28.99 2.60
CA LEU C 130 7.92 27.76 3.21
C LEU C 130 9.42 27.59 3.00
N LYS C 131 9.93 27.96 1.82
CA LYS C 131 11.39 27.87 1.60
C LYS C 131 12.16 28.76 2.57
N ALA C 132 11.70 30.00 2.77
CA ALA C 132 12.47 30.94 3.57
C ALA C 132 12.58 30.51 5.02
N ALA C 133 11.57 29.81 5.54
CA ALA C 133 11.56 29.37 6.93
C ALA C 133 11.91 27.89 7.09
N LYS C 134 12.17 27.18 5.99
CA LYS C 134 12.24 25.72 5.99
C LYS C 134 11.08 25.13 6.80
N GLY C 135 9.87 25.54 6.42
CA GLY C 135 8.67 25.06 7.06
C GLY C 135 8.23 23.71 6.52
N ASN C 136 7.06 23.27 6.98
CA ASN C 136 6.53 21.98 6.55
C ASN C 136 5.03 22.11 6.28
N VAL C 137 4.48 21.13 5.56
CA VAL C 137 3.09 21.12 5.14
C VAL C 137 2.43 19.88 5.70
N VAL C 138 1.21 20.04 6.23
CA VAL C 138 0.38 18.92 6.62
C VAL C 138 -0.94 19.03 5.87
N HIS C 139 -1.22 18.06 5.01
CA HIS C 139 -2.51 18.01 4.32
C HIS C 139 -3.53 17.22 5.14
N LEU C 140 -4.81 17.56 4.98
CA LEU C 140 -5.87 16.73 5.54
C LEU C 140 -6.29 15.74 4.45
N CYS C 141 -5.78 14.51 4.57
CA CYS C 141 -6.22 13.41 3.73
C CYS C 141 -7.44 12.74 4.37
N SER C 142 -7.58 11.43 4.21
CA SER C 142 -8.72 10.67 4.73
C SER C 142 -8.44 9.21 4.49
N VAL C 143 -9.10 8.34 5.28
CA VAL C 143 -9.12 6.93 4.95
C VAL C 143 -9.69 6.71 3.55
N ALA C 144 -10.49 7.67 3.06
CA ALA C 144 -11.04 7.59 1.71
C ALA C 144 -9.97 7.75 0.63
N GLY C 145 -8.77 8.18 0.99
CA GLY C 145 -7.66 8.18 0.08
C GLY C 145 -6.99 6.84 -0.10
N PHE C 146 -7.45 5.82 0.61
CA PHE C 146 -6.91 4.47 0.53
C PHE C 146 -7.94 3.42 0.12
N VAL C 147 -9.21 3.60 0.50
CA VAL C 147 -10.30 2.73 0.09
C VAL C 147 -11.48 3.63 -0.24
N SER C 148 -12.52 3.04 -0.83
CA SER C 148 -13.63 3.90 -1.22
C SER C 148 -14.53 4.24 -0.02
N GLY C 149 -14.62 3.34 0.95
CA GLY C 149 -15.46 3.60 2.12
C GLY C 149 -16.87 3.93 1.71
N GLY C 150 -17.43 4.96 2.33
CA GLY C 150 -18.78 5.37 1.99
C GLY C 150 -18.92 6.79 1.49
N SER C 151 -17.84 7.44 1.09
CA SER C 151 -17.91 8.82 0.60
C SER C 151 -18.19 8.88 -0.90
N THR C 152 -18.71 10.03 -1.33
CA THR C 152 -19.03 10.24 -2.74
C THR C 152 -17.75 10.22 -3.57
N ALA C 153 -17.90 9.93 -4.86
CA ALA C 153 -16.74 9.74 -5.73
C ALA C 153 -15.82 10.96 -5.73
N GLY C 154 -16.38 12.16 -5.81
CA GLY C 154 -15.54 13.35 -5.79
C GLY C 154 -14.68 13.46 -4.54
N TYR C 155 -15.20 12.99 -3.40
CA TYR C 155 -14.45 13.06 -2.16
C TYR C 155 -13.35 12.01 -2.12
N VAL C 156 -13.70 10.76 -2.43
CA VAL C 156 -12.70 9.67 -2.48
C VAL C 156 -11.54 10.06 -3.37
N VAL C 157 -11.86 10.53 -4.58
CA VAL C 157 -10.82 10.87 -5.55
C VAL C 157 -10.00 12.05 -5.05
N SER C 158 -10.65 13.09 -4.50
CA SER C 158 -9.90 14.23 -4.01
C SER C 158 -8.91 13.82 -2.93
N LYS C 159 -9.31 12.88 -2.07
CA LYS C 159 -8.41 12.49 -0.99
C LYS C 159 -7.32 11.53 -1.46
N GLY C 160 -7.62 10.66 -2.44
CA GLY C 160 -6.56 9.90 -3.06
C GLY C 160 -5.56 10.79 -3.77
N ALA C 161 -6.05 11.87 -4.37
CA ALA C 161 -5.16 12.82 -5.04
C ALA C 161 -4.28 13.57 -4.04
N ILE C 162 -4.83 13.90 -2.87
CA ILE C 162 -4.05 14.54 -1.81
C ILE C 162 -2.95 13.62 -1.32
N ARG C 163 -3.27 12.33 -1.21
CA ARG C 163 -2.25 11.34 -0.87
C ARG C 163 -1.08 11.40 -1.85
N SER C 164 -1.39 11.40 -3.16
CA SER C 164 -0.32 11.52 -4.15
C SER C 164 0.35 12.90 -4.10
N LEU C 165 -0.43 13.96 -3.88
CA LEU C 165 0.16 15.30 -3.78
C LEU C 165 1.19 15.36 -2.65
N THR C 166 0.89 14.69 -1.54
CA THR C 166 1.84 14.62 -0.43
C THR C 166 3.17 14.07 -0.88
N GLN C 167 3.14 12.99 -1.66
CA GLN C 167 4.37 12.33 -2.08
C GLN C 167 5.19 13.22 -3.00
N VAL C 168 4.54 13.82 -4.01
CA VAL C 168 5.32 14.52 -5.01
C VAL C 168 5.72 15.91 -4.51
N MET C 169 4.90 16.55 -3.66
CA MET C 169 5.37 17.76 -3.00
C MET C 169 6.60 17.46 -2.14
N ALA C 170 6.53 16.38 -1.37
CA ALA C 170 7.68 15.99 -0.56
C ALA C 170 8.93 15.82 -1.42
N ARG C 171 8.78 15.16 -2.56
CA ARG C 171 9.92 14.94 -3.45
C ARG C 171 10.50 16.26 -3.94
N ASP C 172 9.65 17.15 -4.44
CA ASP C 172 10.15 18.38 -5.04
C ASP C 172 10.61 19.39 -4.00
N LEU C 173 10.08 19.33 -2.78
CA LEU C 173 10.45 20.33 -1.79
C LEU C 173 11.50 19.85 -0.80
N ALA C 174 11.79 18.55 -0.79
CA ALA C 174 12.87 18.05 0.07
C ALA C 174 14.21 18.74 -0.14
N PRO C 175 14.66 19.04 -1.37
CA PRO C 175 15.94 19.77 -1.52
C PRO C 175 15.96 21.12 -0.82
N HIS C 176 14.80 21.69 -0.51
CA HIS C 176 14.72 22.99 0.15
C HIS C 176 14.45 22.87 1.64
N GLY C 177 14.51 21.66 2.19
CA GLY C 177 14.33 21.45 3.62
C GLY C 177 12.90 21.52 4.07
N ILE C 178 11.95 21.31 3.16
CA ILE C 178 10.52 21.40 3.46
C ILE C 178 9.98 19.99 3.54
N ARG C 179 9.41 19.61 4.69
CA ARG C 179 8.73 18.33 4.80
C ARG C 179 7.27 18.48 4.40
N VAL C 180 6.71 17.43 3.80
CA VAL C 180 5.30 17.42 3.42
C VAL C 180 4.70 16.09 3.85
N ASN C 181 3.69 16.14 4.71
CA ASN C 181 2.99 14.93 5.16
C ASN C 181 1.50 15.18 5.16
N ALA C 182 0.75 14.16 5.57
CA ALA C 182 -0.71 14.28 5.69
C ALA C 182 -1.17 13.38 6.84
N VAL C 183 -2.32 13.73 7.43
CA VAL C 183 -3.05 12.81 8.28
C VAL C 183 -4.24 12.28 7.49
N ALA C 184 -4.64 11.04 7.80
CA ALA C 184 -5.81 10.43 7.15
C ALA C 184 -6.81 10.06 8.23
N PRO C 185 -7.68 10.98 8.64
CA PRO C 185 -8.65 10.65 9.69
C PRO C 185 -9.68 9.65 9.20
N GLY C 186 -10.23 8.89 10.14
CA GLY C 186 -11.45 8.16 9.88
C GLY C 186 -12.58 9.14 10.14
N ILE C 187 -13.68 8.71 10.71
CA ILE C 187 -14.71 9.67 11.12
C ILE C 187 -14.27 10.35 12.42
N MET C 188 -14.32 11.68 12.43
CA MET C 188 -14.00 12.49 13.61
C MET C 188 -15.19 13.37 13.96
N MET C 189 -15.33 13.68 15.25
CA MET C 189 -16.42 14.54 15.71
C MET C 189 -16.39 15.88 14.96
N SER C 190 -17.39 16.15 14.14
CA SER C 190 -17.46 17.41 13.41
C SER C 190 -18.87 17.71 12.92
N THR C 203 -22.93 6.26 7.89
CA THR C 203 -22.01 6.05 9.01
C THR C 203 -21.60 4.57 9.12
N ASP C 204 -22.40 3.70 8.51
CA ASP C 204 -22.17 2.26 8.62
C ASP C 204 -20.85 1.84 8.00
N TRP C 205 -20.43 2.51 6.92
CA TRP C 205 -19.22 2.11 6.23
C TRP C 205 -18.00 2.15 7.15
N PHE C 206 -18.03 3.00 8.16
CA PHE C 206 -16.90 3.18 9.08
C PHE C 206 -17.04 2.37 10.37
N MET C 207 -18.25 2.30 10.93
CA MET C 207 -18.44 1.66 12.24
C MET C 207 -18.29 0.15 12.16
N ASN C 208 -18.63 -0.45 11.02
CA ASN C 208 -18.44 -1.90 10.88
C ASN C 208 -16.98 -2.31 11.06
N ARG C 209 -16.02 -1.41 10.75
CA ARG C 209 -14.61 -1.78 10.68
C ARG C 209 -13.71 -1.06 11.68
N VAL C 210 -14.16 0.03 12.30
CA VAL C 210 -13.28 0.76 13.20
C VAL C 210 -13.00 -0.12 14.43
N MET C 211 -11.72 -0.38 14.67
CA MET C 211 -11.35 -1.32 15.74
C MET C 211 -11.70 -0.74 17.10
N MET C 212 -11.48 0.56 17.30
CA MET C 212 -11.80 1.17 18.59
C MET C 212 -13.30 1.35 18.83
N LYS C 213 -14.16 1.09 17.84
CA LYS C 213 -15.61 1.12 18.06
C LYS C 213 -16.11 2.49 18.53
N ARG C 214 -15.48 3.55 18.05
CA ARG C 214 -15.87 4.90 18.43
C ARG C 214 -15.35 5.85 17.36
N ILE C 215 -16.05 6.96 17.19
CA ILE C 215 -15.48 8.02 16.37
C ILE C 215 -14.36 8.70 17.16
N GLY C 216 -13.49 9.37 16.43
CA GLY C 216 -12.41 10.08 17.08
C GLY C 216 -12.87 11.41 17.67
N GLU C 217 -12.21 11.79 18.77
CA GLU C 217 -12.35 13.14 19.28
C GLU C 217 -11.47 14.08 18.46
N THR C 218 -11.89 15.35 18.37
CA THR C 218 -11.11 16.28 17.55
C THR C 218 -9.67 16.40 18.04
N SER C 219 -9.48 16.40 19.37
CA SER C 219 -8.11 16.45 19.91
C SER C 219 -7.24 15.31 19.42
N GLU C 220 -7.84 14.19 19.00
CA GLU C 220 -7.06 13.04 18.58
C GLU C 220 -6.61 13.13 17.14
N VAL C 221 -7.07 14.12 16.38
CA VAL C 221 -6.48 14.39 15.07
CA VAL C 221 -6.51 14.42 15.07
C VAL C 221 -5.55 15.58 15.23
N VAL C 222 -5.86 16.47 16.20
CA VAL C 222 -5.00 17.61 16.46
C VAL C 222 -3.58 17.15 16.84
N ASP C 223 -3.49 16.23 17.82
CA ASP C 223 -2.16 15.80 18.28
C ASP C 223 -1.31 15.18 17.18
N PRO C 224 -1.84 14.31 16.30
CA PRO C 224 -0.99 13.82 15.19
C PRO C 224 -0.58 14.90 14.22
N VAL C 225 -1.45 15.88 13.94
CA VAL C 225 -1.07 17.00 13.07
C VAL C 225 0.10 17.77 13.69
N VAL C 226 0.01 18.06 14.99
CA VAL C 226 1.08 18.80 15.67
C VAL C 226 2.38 18.00 15.65
N PHE C 227 2.29 16.68 15.91
CA PHE C 227 3.45 15.81 15.82
C PHE C 227 4.14 15.94 14.47
N LEU C 228 3.38 15.73 13.38
CA LEU C 228 3.95 15.82 12.03
C LEU C 228 4.53 17.20 11.73
N ALA C 229 3.96 18.25 12.31
CA ALA C 229 4.44 19.61 12.08
C ALA C 229 5.68 19.95 12.91
N SER C 230 6.09 19.07 13.80
CA SER C 230 7.07 19.37 14.84
C SER C 230 8.40 18.70 14.56
N PRO C 231 9.46 19.09 15.27
CA PRO C 231 10.75 18.42 15.10
C PRO C 231 10.74 16.94 15.47
N MET C 232 9.72 16.45 16.19
CA MET C 232 9.63 15.02 16.45
C MET C 232 9.52 14.23 15.15
N ALA C 233 9.02 14.85 14.08
CA ALA C 233 8.84 14.22 12.78
C ALA C 233 9.91 14.66 11.76
N SER C 234 11.10 15.07 12.22
CA SER C 234 12.07 15.67 11.31
C SER C 234 12.68 14.68 10.31
N TYR C 235 12.47 13.38 10.48
CA TYR C 235 12.87 12.42 9.45
C TYR C 235 11.67 11.83 8.72
N ILE C 236 10.50 12.46 8.86
CA ILE C 236 9.27 11.96 8.25
C ILE C 236 8.87 12.92 7.13
N THR C 237 8.82 12.42 5.89
CA THR C 237 8.26 13.23 4.81
C THR C 237 7.63 12.30 3.78
N GLY C 238 6.70 12.87 3.01
CA GLY C 238 5.95 12.12 2.02
C GLY C 238 5.01 11.10 2.59
N THR C 239 4.69 11.20 3.87
CA THR C 239 4.02 10.14 4.62
C THR C 239 2.57 10.56 4.92
N ILE C 240 1.65 9.60 4.81
CA ILE C 240 0.25 9.80 5.16
C ILE C 240 -0.03 8.92 6.37
N LEU C 241 -0.39 9.55 7.48
CA LEU C 241 -0.52 8.85 8.74
C LEU C 241 -1.99 8.60 9.04
N PRO C 242 -2.46 7.37 9.00
CA PRO C 242 -3.86 7.11 9.39
C PRO C 242 -4.11 7.48 10.86
N VAL C 243 -5.20 8.19 11.09
CA VAL C 243 -5.68 8.46 12.46
C VAL C 243 -7.14 8.00 12.48
N ASP C 244 -7.34 6.71 12.62
CA ASP C 244 -8.58 6.13 12.14
C ASP C 244 -9.12 5.03 13.05
N GLY C 245 -8.61 4.90 14.28
CA GLY C 245 -9.15 3.90 15.17
C GLY C 245 -8.95 2.48 14.69
N GLY C 246 -8.04 2.25 13.75
CA GLY C 246 -7.78 0.93 13.22
C GLY C 246 -8.53 0.60 11.96
N PHE C 247 -9.32 1.56 11.45
CA PHE C 247 -10.17 1.32 10.28
C PHE C 247 -9.39 0.66 9.14
N LEU C 248 -8.27 1.27 8.73
CA LEU C 248 -7.60 0.76 7.53
C LEU C 248 -6.89 -0.56 7.77
N ALA C 249 -6.65 -0.94 9.03
CA ALA C 249 -6.05 -2.23 9.33
C ALA C 249 -7.08 -3.36 9.44
N ALA C 250 -8.37 -3.05 9.40
CA ALA C 250 -9.40 -4.07 9.58
C ALA C 250 -9.79 -4.74 8.27
N MET D 1 -7.50 -17.31 -29.67
CA MET D 1 -7.86 -16.64 -28.43
C MET D 1 -8.89 -15.56 -28.69
N GLU D 2 -10.03 -15.66 -28.00
CA GLU D 2 -11.21 -14.83 -28.24
C GLU D 2 -11.74 -14.29 -26.92
N LEU D 3 -10.87 -13.66 -26.13
CA LEU D 3 -11.26 -13.21 -24.79
C LEU D 3 -12.35 -12.16 -24.84
N LEU D 4 -12.44 -11.40 -25.94
CA LEU D 4 -13.42 -10.33 -26.07
C LEU D 4 -14.37 -10.56 -27.25
N LYS D 5 -14.70 -11.81 -27.54
CA LYS D 5 -15.43 -12.14 -28.76
C LYS D 5 -16.76 -11.38 -28.84
N GLU D 6 -16.93 -10.62 -29.92
CA GLU D 6 -18.12 -9.84 -30.24
C GLU D 6 -18.42 -8.73 -29.23
N LYS D 7 -17.48 -8.43 -28.34
CA LYS D 7 -17.66 -7.34 -27.39
C LYS D 7 -17.37 -6.00 -28.06
N LEU D 8 -18.16 -4.98 -27.69
CA LEU D 8 -17.95 -3.62 -28.18
C LEU D 8 -17.02 -2.91 -27.21
N VAL D 9 -15.90 -2.40 -27.71
CA VAL D 9 -14.84 -1.82 -26.88
C VAL D 9 -14.58 -0.40 -27.34
N LEU D 10 -14.70 0.55 -26.42
CA LEU D 10 -14.34 1.95 -26.67
C LEU D 10 -13.00 2.26 -26.02
N VAL D 11 -12.08 2.84 -26.79
CA VAL D 11 -10.74 3.17 -26.31
C VAL D 11 -10.49 4.64 -26.60
N THR D 12 -10.22 5.42 -25.56
CA THR D 12 -9.88 6.82 -25.77
C THR D 12 -8.37 6.98 -25.99
N GLY D 13 -7.99 8.07 -26.65
CA GLY D 13 -6.60 8.27 -27.00
C GLY D 13 -6.04 7.18 -27.88
N ALA D 14 -6.88 6.60 -28.74
CA ALA D 14 -6.52 5.44 -29.54
C ALA D 14 -5.87 5.81 -30.86
N GLY D 15 -5.53 7.08 -31.06
CA GLY D 15 -4.92 7.50 -32.32
C GLY D 15 -3.49 7.04 -32.49
N ARG D 16 -2.82 6.65 -31.41
CA ARG D 16 -1.43 6.20 -31.50
C ARG D 16 -1.05 5.54 -30.19
N GLY D 17 0.19 5.10 -30.10
CA GLY D 17 0.74 4.66 -28.83
C GLY D 17 -0.03 3.50 -28.22
N LEU D 18 -0.14 3.52 -26.90
CA LEU D 18 -0.79 2.42 -26.21
C LEU D 18 -2.26 2.29 -26.59
N GLY D 19 -2.94 3.42 -26.79
CA GLY D 19 -4.35 3.37 -27.15
C GLY D 19 -4.57 2.65 -28.46
N ALA D 20 -3.77 2.97 -29.47
CA ALA D 20 -3.85 2.26 -30.75
C ALA D 20 -3.55 0.78 -30.56
N ALA D 21 -2.57 0.45 -29.72
CA ALA D 21 -2.19 -0.95 -29.55
C ALA D 21 -3.25 -1.73 -28.78
N ILE D 22 -3.86 -1.11 -27.78
CA ILE D 22 -4.98 -1.73 -27.07
C ILE D 22 -6.15 -1.96 -28.03
N SER D 23 -6.43 -0.97 -28.89
CA SER D 23 -7.50 -1.14 -29.87
C SER D 23 -7.23 -2.34 -30.76
N SER D 24 -6.01 -2.44 -31.30
CA SER D 24 -5.67 -3.55 -32.16
C SER D 24 -5.70 -4.88 -31.40
N GLY D 25 -5.14 -4.90 -30.18
CA GLY D 25 -5.13 -6.14 -29.42
C GLY D 25 -6.53 -6.60 -29.05
N ALA D 26 -7.43 -5.65 -28.77
CA ALA D 26 -8.83 -5.98 -28.51
C ALA D 26 -9.49 -6.57 -29.76
N ALA D 27 -9.26 -5.96 -30.92
CA ALA D 27 -9.77 -6.53 -32.17
C ALA D 27 -9.22 -7.93 -32.40
N GLU D 28 -7.94 -8.14 -32.14
CA GLU D 28 -7.36 -9.48 -32.29
C GLU D 28 -8.08 -10.48 -31.39
N GLN D 29 -8.62 -10.04 -30.27
CA GLN D 29 -9.36 -10.90 -29.37
C GLN D 29 -10.85 -10.95 -29.70
N GLY D 30 -11.25 -10.50 -30.89
CA GLY D 30 -12.61 -10.67 -31.36
C GLY D 30 -13.54 -9.51 -31.10
N ALA D 31 -13.04 -8.39 -30.56
CA ALA D 31 -13.90 -7.26 -30.25
C ALA D 31 -14.15 -6.40 -31.48
N ARG D 32 -15.32 -5.76 -31.49
CA ARG D 32 -15.59 -4.60 -32.34
C ARG D 32 -15.14 -3.37 -31.57
N VAL D 33 -14.34 -2.51 -32.19
CA VAL D 33 -13.65 -1.44 -31.47
C VAL D 33 -14.07 -0.07 -31.99
N ILE D 34 -14.36 0.83 -31.06
CA ILE D 34 -14.55 2.24 -31.35
C ILE D 34 -13.31 2.97 -30.87
N LEU D 35 -12.58 3.60 -31.80
CA LEU D 35 -11.36 4.33 -31.49
C LEU D 35 -11.66 5.81 -31.48
N VAL D 36 -11.29 6.50 -30.41
CA VAL D 36 -11.46 7.95 -30.37
C VAL D 36 -10.18 8.60 -29.87
N ASP D 37 -9.96 9.82 -30.32
CA ASP D 37 -8.72 10.53 -30.07
C ASP D 37 -8.98 12.00 -30.34
N ILE D 38 -8.25 12.87 -29.63
CA ILE D 38 -8.41 14.29 -29.96
C ILE D 38 -8.03 14.53 -31.41
N ASP D 39 -7.10 13.74 -31.94
CA ASP D 39 -6.78 13.76 -33.36
C ASP D 39 -7.66 12.72 -34.03
N GLY D 40 -8.82 13.17 -34.53
CA GLY D 40 -9.75 12.24 -35.15
C GLY D 40 -9.24 11.62 -36.43
N THR D 41 -8.38 12.32 -37.15
CA THR D 41 -7.78 11.71 -38.34
C THR D 41 -6.94 10.51 -37.96
N ALA D 42 -6.18 10.61 -36.87
CA ALA D 42 -5.38 9.47 -36.41
C ALA D 42 -6.27 8.33 -35.94
N ALA D 43 -7.34 8.64 -35.21
CA ALA D 43 -8.27 7.60 -34.79
C ALA D 43 -8.88 6.88 -35.99
N LYS D 44 -9.29 7.65 -37.01
CA LYS D 44 -9.85 7.01 -38.19
C LYS D 44 -8.79 6.24 -38.97
N ALA D 45 -7.55 6.75 -39.01
CA ALA D 45 -6.48 6.01 -39.67
C ALA D 45 -6.23 4.67 -39.00
N GLN D 46 -6.20 4.66 -37.66
CA GLN D 46 -6.01 3.39 -36.97
C GLN D 46 -7.20 2.46 -37.21
N ALA D 47 -8.42 3.00 -37.20
CA ALA D 47 -9.60 2.16 -37.42
C ALA D 47 -9.59 1.56 -38.82
N ASP D 48 -9.13 2.32 -39.82
CA ASP D 48 -9.15 1.82 -41.19
C ASP D 48 -8.10 0.74 -41.40
N ALA D 49 -6.96 0.83 -40.70
CA ALA D 49 -5.99 -0.24 -40.75
C ALA D 49 -6.55 -1.54 -40.16
N LEU D 50 -7.35 -1.41 -39.09
CA LEU D 50 -8.00 -2.59 -38.54
C LEU D 50 -9.06 -3.12 -39.50
N THR D 51 -9.89 -2.23 -40.06
CA THR D 51 -10.88 -2.66 -41.03
C THR D 51 -10.24 -3.37 -42.21
N ALA D 52 -9.10 -2.85 -42.68
CA ALA D 52 -8.40 -3.49 -43.79
C ALA D 52 -7.99 -4.91 -43.45
N LYS D 53 -7.65 -5.17 -42.18
CA LYS D 53 -7.26 -6.50 -41.73
C LYS D 53 -8.45 -7.41 -41.45
N GLY D 54 -9.66 -6.99 -41.82
CA GLY D 54 -10.84 -7.79 -41.61
C GLY D 54 -11.56 -7.57 -40.28
N PHE D 55 -11.01 -6.75 -39.39
CA PHE D 55 -11.70 -6.47 -38.14
C PHE D 55 -12.80 -5.43 -38.36
N VAL D 56 -13.65 -5.27 -37.35
CA VAL D 56 -14.71 -4.27 -37.39
C VAL D 56 -14.31 -3.17 -36.41
N ALA D 57 -14.19 -1.95 -36.93
CA ALA D 57 -13.70 -0.83 -36.14
C ALA D 57 -14.20 0.46 -36.76
N GLU D 58 -14.20 1.51 -35.96
CA GLU D 58 -14.53 2.85 -36.43
C GLU D 58 -13.75 3.85 -35.57
N GLY D 59 -13.49 5.02 -36.15
CA GLY D 59 -12.76 6.07 -35.44
C GLY D 59 -13.52 7.38 -35.44
N HIS D 60 -13.32 8.15 -34.38
CA HIS D 60 -13.95 9.46 -34.28
C HIS D 60 -13.04 10.41 -33.52
N ALA D 61 -13.18 11.69 -33.81
CA ALA D 61 -12.52 12.72 -33.00
C ALA D 61 -13.28 12.89 -31.69
N LEU D 62 -12.53 12.99 -30.59
CA LEU D 62 -13.14 13.24 -29.30
C LEU D 62 -12.13 13.94 -28.40
N ASP D 63 -12.50 15.11 -27.91
CA ASP D 63 -11.78 15.77 -26.82
C ASP D 63 -12.42 15.35 -25.51
N VAL D 64 -11.73 14.54 -24.71
CA VAL D 64 -12.32 14.03 -23.47
C VAL D 64 -12.55 15.12 -22.45
N THR D 65 -11.96 16.31 -22.64
CA THR D 65 -12.23 17.43 -21.75
C THR D 65 -13.49 18.20 -22.11
N ASP D 66 -14.14 17.85 -23.22
CA ASP D 66 -15.34 18.55 -23.68
C ASP D 66 -16.53 17.70 -23.27
N ARG D 67 -17.26 18.15 -22.24
CA ARG D 67 -18.34 17.34 -21.70
C ARG D 67 -19.48 17.16 -22.70
N ASP D 68 -19.77 18.20 -23.49
CA ASP D 68 -20.82 18.06 -24.50
C ASP D 68 -20.42 17.05 -25.59
N ALA D 69 -19.16 17.08 -26.01
CA ALA D 69 -18.71 16.11 -27.01
C ALA D 69 -18.76 14.70 -26.47
N VAL D 70 -18.39 14.52 -25.20
CA VAL D 70 -18.45 13.20 -24.57
C VAL D 70 -19.88 12.72 -24.47
N ALA D 71 -20.80 13.59 -24.06
CA ALA D 71 -22.20 13.21 -23.96
C ALA D 71 -22.77 12.79 -25.32
N ALA D 72 -22.40 13.51 -26.38
CA ALA D 72 -22.89 13.15 -27.72
C ALA D 72 -22.44 11.76 -28.12
N LEU D 73 -21.15 11.45 -27.88
CA LEU D 73 -20.66 10.12 -28.20
C LEU D 73 -21.40 9.05 -27.41
N ALA D 74 -21.58 9.29 -26.10
CA ALA D 74 -22.29 8.33 -25.26
C ALA D 74 -23.70 8.09 -25.77
N ASP D 75 -24.39 9.17 -26.15
CA ASP D 75 -25.73 9.05 -26.74
C ASP D 75 -25.69 8.21 -28.01
N ASP D 76 -24.70 8.48 -28.87
CA ASP D 76 -24.60 7.79 -30.15
C ASP D 76 -24.36 6.29 -29.93
N ILE D 77 -23.45 5.94 -29.03
CA ILE D 77 -23.18 4.54 -28.74
C ILE D 77 -24.43 3.84 -28.21
N LEU D 78 -25.08 4.46 -27.21
CA LEU D 78 -26.30 3.87 -26.66
C LEU D 78 -27.37 3.69 -27.73
N SER D 79 -27.56 4.71 -28.58
CA SER D 79 -28.60 4.63 -29.60
C SER D 79 -28.28 3.59 -30.66
N ARG D 80 -27.06 3.59 -31.18
CA ARG D 80 -26.69 2.69 -32.27
C ARG D 80 -26.47 1.26 -31.80
N PHE D 81 -25.91 1.06 -30.61
CA PHE D 81 -25.52 -0.26 -30.16
C PHE D 81 -26.29 -0.76 -28.95
N GLY D 82 -26.97 0.11 -28.21
CA GLY D 82 -27.72 -0.34 -27.06
C GLY D 82 -26.90 -0.68 -25.83
N GLY D 83 -25.59 -0.44 -25.85
CA GLY D 83 -24.74 -0.72 -24.70
C GLY D 83 -23.28 -0.65 -25.09
N LEU D 84 -22.43 -0.81 -24.07
CA LEU D 84 -20.98 -0.81 -24.27
C LEU D 84 -20.36 -1.89 -23.39
N ASP D 85 -19.56 -2.78 -23.98
CA ASP D 85 -19.02 -3.89 -23.22
C ASP D 85 -17.73 -3.52 -22.48
N VAL D 86 -16.87 -2.68 -23.07
CA VAL D 86 -15.60 -2.31 -22.43
C VAL D 86 -15.33 -0.84 -22.72
N LEU D 87 -14.98 -0.09 -21.68
CA LEU D 87 -14.44 1.25 -21.82
C LEU D 87 -13.00 1.22 -21.32
N VAL D 88 -12.07 1.66 -22.17
CA VAL D 88 -10.66 1.80 -21.78
C VAL D 88 -10.33 3.29 -21.80
N ASN D 89 -10.10 3.87 -20.61
CA ASN D 89 -9.72 5.28 -20.48
C ASN D 89 -8.21 5.37 -20.61
N ASN D 90 -7.75 5.54 -21.84
CA ASN D 90 -6.32 5.57 -22.10
C ASN D 90 -5.78 6.96 -22.40
N ALA D 91 -6.61 7.86 -22.92
CA ALA D 91 -6.13 9.20 -23.26
C ALA D 91 -5.42 9.84 -22.08
N GLY D 92 -4.23 10.37 -22.32
CA GLY D 92 -3.43 10.98 -21.27
C GLY D 92 -2.38 11.88 -21.87
N VAL D 93 -1.86 12.78 -21.02
CA VAL D 93 -0.75 13.65 -21.39
C VAL D 93 0.16 13.76 -20.19
N ALA D 94 1.35 14.33 -20.41
CA ALA D 94 2.30 14.55 -19.33
C ALA D 94 2.89 15.95 -19.50
N GLY D 95 4.04 16.18 -18.91
CA GLY D 95 4.69 17.48 -19.01
C GLY D 95 5.84 17.56 -18.03
N ARG D 96 6.56 18.67 -18.12
CA ARG D 96 7.76 18.90 -17.33
C ARG D 96 7.58 20.15 -16.49
N ALA D 97 7.67 20.00 -15.17
CA ALA D 97 7.67 21.12 -14.24
C ALA D 97 7.90 20.61 -12.82
N ALA D 98 8.78 21.25 -12.07
CA ALA D 98 8.94 20.96 -10.65
C ALA D 98 7.91 21.78 -9.87
N PHE D 99 7.58 21.30 -8.67
CA PHE D 99 6.48 21.91 -7.93
C PHE D 99 6.77 23.38 -7.60
N ASP D 100 8.02 23.75 -7.38
CA ASP D 100 8.35 25.11 -6.99
C ASP D 100 8.55 26.04 -8.20
N GLN D 101 8.17 25.61 -9.39
CA GLN D 101 8.29 26.53 -10.50
C GLN D 101 6.93 27.10 -10.88
N PRO D 102 6.88 28.34 -11.38
CA PRO D 102 5.58 28.87 -11.83
C PRO D 102 4.97 28.07 -12.95
N GLU D 103 5.80 27.44 -13.79
CA GLU D 103 5.30 26.60 -14.88
C GLU D 103 4.46 25.43 -14.38
N ALA D 104 4.61 25.05 -13.11
CA ALA D 104 3.88 23.88 -12.61
C ALA D 104 2.38 24.07 -12.65
N VAL D 105 1.90 25.31 -12.60
CA VAL D 105 0.46 25.56 -12.60
C VAL D 105 -0.16 25.19 -13.94
N GLU D 106 0.42 25.68 -15.04
CA GLU D 106 -0.13 25.38 -16.36
C GLU D 106 0.00 23.90 -16.71
N VAL D 107 1.10 23.28 -16.29
CA VAL D 107 1.24 21.84 -16.51
C VAL D 107 0.21 21.07 -15.69
N TRP D 108 0.08 21.43 -14.40
CA TRP D 108 -0.93 20.83 -13.53
C TRP D 108 -2.31 20.87 -14.16
N ASP D 109 -2.78 22.07 -14.53
CA ASP D 109 -4.11 22.23 -15.11
C ASP D 109 -4.28 21.39 -16.36
N ARG D 110 -3.26 21.39 -17.23
CA ARG D 110 -3.40 20.64 -18.48
C ARG D 110 -3.43 19.14 -18.23
N VAL D 111 -2.57 18.65 -17.34
CA VAL D 111 -2.47 17.21 -17.11
C VAL D 111 -3.67 16.70 -16.32
N ILE D 112 -4.05 17.43 -15.25
CA ILE D 112 -5.27 17.07 -14.53
C ILE D 112 -6.47 17.06 -15.47
N GLY D 113 -6.51 18.02 -16.38
CA GLY D 113 -7.70 18.17 -17.23
C GLY D 113 -7.94 16.97 -18.12
N VAL D 114 -6.88 16.45 -18.74
CA VAL D 114 -7.02 15.27 -19.59
C VAL D 114 -7.07 13.99 -18.76
N ASN D 115 -6.09 13.83 -17.87
CA ASN D 115 -5.85 12.53 -17.20
C ASN D 115 -6.95 12.20 -16.20
N LEU D 116 -7.38 13.19 -15.40
CA LEU D 116 -8.39 12.91 -14.38
C LEU D 116 -9.78 13.38 -14.79
N GLU D 117 -9.90 14.65 -15.16
CA GLU D 117 -11.22 15.19 -15.47
C GLU D 117 -11.81 14.55 -16.72
N GLY D 118 -10.95 14.27 -17.71
CA GLY D 118 -11.42 13.58 -18.89
C GLY D 118 -11.84 12.14 -18.62
N ALA D 119 -11.05 11.42 -17.83
CA ALA D 119 -11.42 10.06 -17.45
C ALA D 119 -12.73 10.05 -16.68
N PHE D 120 -12.95 11.04 -15.81
CA PHE D 120 -14.25 11.17 -15.17
C PHE D 120 -15.34 11.43 -16.20
N ASN D 121 -15.15 12.44 -17.06
CA ASN D 121 -16.15 12.77 -18.08
C ASN D 121 -16.61 11.53 -18.85
N VAL D 122 -15.66 10.76 -19.39
CA VAL D 122 -16.01 9.62 -20.22
C VAL D 122 -16.66 8.52 -19.39
N SER D 123 -16.08 8.22 -18.22
CA SER D 123 -16.62 7.18 -17.35
C SER D 123 -18.04 7.49 -16.93
N HIS D 124 -18.30 8.72 -16.50
CA HIS D 124 -19.63 9.04 -16.00
C HIS D 124 -20.66 9.02 -17.14
N ALA D 125 -20.28 9.56 -18.31
CA ALA D 125 -21.22 9.61 -19.43
C ALA D 125 -21.57 8.23 -19.96
N LEU D 126 -20.65 7.26 -19.87
CA LEU D 126 -20.90 5.96 -20.45
C LEU D 126 -21.57 4.98 -19.49
N VAL D 127 -21.90 5.40 -18.26
CA VAL D 127 -22.54 4.49 -17.31
C VAL D 127 -23.84 3.89 -17.83
N PRO D 128 -24.76 4.65 -18.45
CA PRO D 128 -25.98 3.98 -18.97
C PRO D 128 -25.67 2.87 -19.97
N ALA D 129 -24.74 3.09 -20.89
CA ALA D 129 -24.42 2.06 -21.88
C ALA D 129 -23.74 0.86 -21.22
N LEU D 130 -22.87 1.13 -20.24
CA LEU D 130 -22.20 0.04 -19.52
C LEU D 130 -23.20 -0.77 -18.71
N LYS D 131 -24.20 -0.09 -18.13
CA LYS D 131 -25.25 -0.81 -17.39
C LYS D 131 -26.01 -1.76 -18.30
N ALA D 132 -26.38 -1.30 -19.49
CA ALA D 132 -27.24 -2.08 -20.35
C ALA D 132 -26.56 -3.35 -20.85
N ALA D 133 -25.24 -3.33 -20.95
CA ALA D 133 -24.47 -4.48 -21.39
C ALA D 133 -23.75 -5.20 -20.24
N LYS D 134 -23.87 -4.71 -19.01
CA LYS D 134 -23.02 -5.16 -17.91
C LYS D 134 -21.54 -5.20 -18.34
N GLY D 135 -21.08 -4.07 -18.88
CA GLY D 135 -19.71 -3.96 -19.33
C GLY D 135 -18.76 -3.71 -18.17
N ASN D 136 -17.51 -3.43 -18.52
CA ASN D 136 -16.51 -3.12 -17.50
C ASN D 136 -15.60 -2.01 -17.99
N VAL D 137 -14.85 -1.44 -17.05
CA VAL D 137 -14.00 -0.29 -17.30
C VAL D 137 -12.58 -0.66 -16.91
N VAL D 138 -11.62 -0.31 -17.76
CA VAL D 138 -10.19 -0.36 -17.43
C VAL D 138 -9.62 1.05 -17.59
N HIS D 139 -9.16 1.63 -16.48
CA HIS D 139 -8.45 2.90 -16.53
C HIS D 139 -6.95 2.68 -16.76
N LEU D 140 -6.31 3.67 -17.38
CA LEU D 140 -4.85 3.70 -17.43
C LEU D 140 -4.35 4.49 -16.22
N CYS D 141 -3.91 3.76 -15.20
CA CYS D 141 -3.25 4.35 -14.04
C CYS D 141 -1.75 4.37 -14.33
N SER D 142 -0.90 4.24 -13.30
CA SER D 142 0.55 4.36 -13.47
C SER D 142 1.21 3.98 -12.16
N VAL D 143 2.48 3.54 -12.23
CA VAL D 143 3.26 3.40 -11.00
C VAL D 143 3.28 4.72 -10.26
N ALA D 144 3.13 5.84 -10.98
CA ALA D 144 3.07 7.15 -10.35
C ALA D 144 1.84 7.35 -9.49
N GLY D 145 0.82 6.49 -9.60
CA GLY D 145 -0.29 6.56 -8.65
C GLY D 145 0.00 5.95 -7.29
N PHE D 146 1.19 5.39 -7.10
CA PHE D 146 1.57 4.74 -5.84
C PHE D 146 2.79 5.36 -5.19
N VAL D 147 3.70 5.91 -5.98
CA VAL D 147 4.90 6.60 -5.52
C VAL D 147 5.08 7.81 -6.43
N SER D 148 5.95 8.74 -6.02
CA SER D 148 6.09 9.96 -6.80
C SER D 148 6.94 9.73 -8.05
N GLY D 149 7.89 8.80 -7.99
CA GLY D 149 8.72 8.58 -9.15
C GLY D 149 9.39 9.85 -9.63
N GLY D 150 9.43 10.01 -10.95
CA GLY D 150 10.08 11.17 -11.54
C GLY D 150 9.17 12.11 -12.31
N SER D 151 7.87 11.86 -12.30
CA SER D 151 6.91 12.61 -13.11
C SER D 151 6.55 13.93 -12.45
N THR D 152 5.96 14.82 -13.26
CA THR D 152 5.56 16.12 -12.75
C THR D 152 4.35 15.96 -11.84
N ALA D 153 4.18 16.93 -10.92
CA ALA D 153 3.17 16.82 -9.88
C ALA D 153 1.78 16.54 -10.44
N GLY D 154 1.40 17.23 -11.52
CA GLY D 154 0.07 17.03 -12.08
C GLY D 154 -0.15 15.62 -12.59
N TYR D 155 0.91 14.99 -13.09
CA TYR D 155 0.82 13.61 -13.56
C TYR D 155 0.68 12.64 -12.38
N VAL D 156 1.60 12.75 -11.41
CA VAL D 156 1.53 11.91 -10.21
C VAL D 156 0.15 11.99 -9.58
N VAL D 157 -0.35 13.22 -9.38
CA VAL D 157 -1.64 13.40 -8.72
C VAL D 157 -2.76 12.85 -9.59
N SER D 158 -2.71 13.09 -10.90
CA SER D 158 -3.78 12.57 -11.77
C SER D 158 -3.85 11.05 -11.67
N LYS D 159 -2.72 10.38 -11.54
CA LYS D 159 -2.77 8.92 -11.56
C LYS D 159 -3.14 8.35 -10.20
N GLY D 160 -2.70 8.98 -9.11
CA GLY D 160 -3.23 8.60 -7.79
C GLY D 160 -4.73 8.84 -7.73
N ALA D 161 -5.20 9.88 -8.39
CA ALA D 161 -6.64 10.15 -8.44
C ALA D 161 -7.35 9.07 -9.23
N ILE D 162 -6.75 8.62 -10.35
CA ILE D 162 -7.30 7.51 -11.12
C ILE D 162 -7.35 6.25 -10.27
N ARG D 163 -6.33 6.03 -9.45
CA ARG D 163 -6.33 4.88 -8.55
C ARG D 163 -7.55 4.89 -7.64
N SER D 164 -7.82 6.04 -7.03
CA SER D 164 -9.01 6.17 -6.18
C SER D 164 -10.28 6.07 -6.99
N LEU D 165 -10.28 6.63 -8.21
CA LEU D 165 -11.49 6.57 -9.04
C LEU D 165 -11.87 5.12 -9.35
N THR D 166 -10.86 4.27 -9.59
CA THR D 166 -11.10 2.84 -9.80
C THR D 166 -11.87 2.24 -8.63
N GLN D 167 -11.44 2.58 -7.41
CA GLN D 167 -12.07 2.00 -6.23
C GLN D 167 -13.51 2.45 -6.11
N VAL D 168 -13.77 3.75 -6.24
CA VAL D 168 -15.12 4.23 -5.93
C VAL D 168 -16.08 3.93 -7.08
N MET D 169 -15.60 3.95 -8.33
CA MET D 169 -16.46 3.49 -9.43
C MET D 169 -16.83 2.02 -9.26
N ALA D 170 -15.87 1.21 -8.83
CA ALA D 170 -16.16 -0.21 -8.59
C ALA D 170 -17.25 -0.37 -7.53
N ARG D 171 -17.16 0.40 -6.44
CA ARG D 171 -18.17 0.33 -5.40
C ARG D 171 -19.55 0.69 -5.93
N ASP D 172 -19.66 1.82 -6.65
CA ASP D 172 -20.97 2.31 -7.06
C ASP D 172 -21.55 1.52 -8.23
N LEU D 173 -20.72 0.91 -9.07
CA LEU D 173 -21.22 0.21 -10.25
C LEU D 173 -21.29 -1.31 -10.06
N ALA D 174 -20.73 -1.83 -8.98
CA ALA D 174 -20.89 -3.26 -8.70
C ALA D 174 -22.34 -3.72 -8.62
N PRO D 175 -23.27 -2.97 -8.02
CA PRO D 175 -24.69 -3.41 -8.04
C PRO D 175 -25.25 -3.56 -9.44
N HIS D 176 -24.68 -2.87 -10.43
CA HIS D 176 -25.16 -2.96 -11.80
C HIS D 176 -24.39 -3.97 -12.64
N GLY D 177 -23.54 -4.78 -12.01
CA GLY D 177 -22.80 -5.81 -12.73
C GLY D 177 -21.61 -5.31 -13.50
N ILE D 178 -21.11 -4.12 -13.18
CA ILE D 178 -20.02 -3.46 -13.90
C ILE D 178 -18.77 -3.56 -13.05
N ARG D 179 -17.74 -4.21 -13.58
CA ARG D 179 -16.43 -4.18 -12.93
C ARG D 179 -15.64 -2.96 -13.39
N VAL D 180 -14.77 -2.47 -12.51
CA VAL D 180 -13.92 -1.31 -12.80
C VAL D 180 -12.53 -1.61 -12.24
N ASN D 181 -11.51 -1.58 -13.11
CA ASN D 181 -10.14 -1.90 -12.72
C ASN D 181 -9.21 -0.94 -13.45
N ALA D 182 -7.90 -1.11 -13.22
CA ALA D 182 -6.89 -0.31 -13.91
C ALA D 182 -5.60 -1.09 -14.03
N VAL D 183 -4.81 -0.75 -15.05
CA VAL D 183 -3.41 -1.17 -15.11
C VAL D 183 -2.54 -0.01 -14.68
N ALA D 184 -1.39 -0.32 -14.10
CA ALA D 184 -0.43 0.70 -13.64
C ALA D 184 0.88 0.43 -14.35
N PRO D 185 1.03 0.90 -15.59
CA PRO D 185 2.30 0.74 -16.30
C PRO D 185 3.42 1.51 -15.63
N GLY D 186 4.64 1.02 -15.85
CA GLY D 186 5.84 1.78 -15.58
C GLY D 186 6.22 2.53 -16.83
N ILE D 187 7.49 2.55 -17.20
CA ILE D 187 7.88 3.24 -18.43
C ILE D 187 7.65 2.31 -19.61
N MET D 188 6.92 2.80 -20.62
CA MET D 188 6.68 2.08 -21.85
C MET D 188 7.10 2.93 -23.03
N MET D 189 7.57 2.26 -24.08
CA MET D 189 8.05 2.97 -25.27
C MET D 189 6.89 3.69 -25.94
N SER D 190 7.04 5.01 -26.07
CA SER D 190 6.09 5.99 -26.59
C SER D 190 6.54 7.35 -26.07
N GLU D 191 5.62 8.13 -25.50
CA GLU D 191 6.00 9.43 -24.93
C GLU D 191 6.91 9.27 -23.71
N MET D 192 7.84 8.32 -23.77
CA MET D 192 9.06 8.33 -22.95
C MET D 192 10.06 9.27 -23.64
N ALA D 193 9.61 10.50 -23.81
CA ALA D 193 10.25 11.50 -24.65
C ALA D 193 9.59 12.85 -24.43
N VAL D 194 9.62 13.31 -23.17
CA VAL D 194 9.09 14.59 -22.68
C VAL D 194 8.93 14.46 -21.19
N ALA D 195 9.78 13.64 -20.56
CA ALA D 195 9.70 13.37 -19.13
C ALA D 195 10.07 14.60 -18.29
N GLY D 202 15.89 11.15 -17.63
CA GLY D 202 14.64 10.99 -18.34
C GLY D 202 14.00 9.65 -18.10
N THR D 203 14.80 8.58 -18.20
CA THR D 203 14.35 7.22 -17.94
C THR D 203 14.90 6.63 -16.65
N ASP D 204 16.05 7.10 -16.16
CA ASP D 204 16.77 6.42 -15.08
C ASP D 204 15.98 6.32 -13.77
N TRP D 205 14.97 7.17 -13.55
CA TRP D 205 14.20 7.01 -12.32
C TRP D 205 13.43 5.70 -12.34
N PHE D 206 12.94 5.30 -13.51
CA PHE D 206 12.28 4.01 -13.63
C PHE D 206 13.30 2.89 -13.70
N MET D 207 14.38 3.07 -14.47
CA MET D 207 15.30 1.95 -14.72
C MET D 207 16.04 1.51 -13.48
N ASN D 208 16.36 2.43 -12.56
CA ASN D 208 17.10 2.03 -11.36
C ASN D 208 16.34 0.96 -10.58
N ARG D 209 15.01 1.06 -10.56
CA ARG D 209 14.21 0.17 -9.76
C ARG D 209 13.55 -0.95 -10.54
N VAL D 210 13.56 -0.92 -11.86
CA VAL D 210 12.82 -1.95 -12.60
C VAL D 210 13.64 -3.24 -12.55
N MET D 211 13.06 -4.28 -11.92
CA MET D 211 13.80 -5.51 -11.67
C MET D 211 14.17 -6.21 -12.97
N MET D 212 13.28 -6.17 -13.95
CA MET D 212 13.57 -6.81 -15.24
C MET D 212 14.61 -6.05 -16.05
N LYS D 213 14.95 -4.83 -15.64
CA LYS D 213 15.99 -4.03 -16.31
CA LYS D 213 15.99 -4.02 -16.31
C LYS D 213 15.73 -3.90 -17.80
N ARG D 214 14.48 -3.63 -18.15
CA ARG D 214 14.11 -3.34 -19.53
C ARG D 214 12.80 -2.58 -19.49
N ILE D 215 12.57 -1.80 -20.55
CA ILE D 215 11.29 -1.14 -20.75
C ILE D 215 10.29 -2.17 -21.25
N GLY D 216 9.07 -2.10 -20.75
CA GLY D 216 8.04 -3.01 -21.22
C GLY D 216 7.69 -2.76 -22.68
N GLU D 217 7.50 -3.85 -23.43
CA GLU D 217 6.93 -3.74 -24.77
C GLU D 217 5.47 -3.35 -24.70
N THR D 218 4.99 -2.68 -25.74
CA THR D 218 3.60 -2.22 -25.74
C THR D 218 2.62 -3.37 -25.56
N SER D 219 2.87 -4.50 -26.22
CA SER D 219 1.99 -5.66 -26.09
C SER D 219 1.96 -6.23 -24.67
N GLU D 220 2.99 -5.98 -23.86
CA GLU D 220 2.94 -6.45 -22.48
C GLU D 220 2.07 -5.60 -21.58
N VAL D 221 1.57 -4.47 -22.07
CA VAL D 221 0.56 -3.74 -21.30
C VAL D 221 -0.81 -4.06 -21.89
N VAL D 222 -0.84 -4.32 -23.20
CA VAL D 222 -2.11 -4.66 -23.86
C VAL D 222 -2.69 -5.95 -23.26
N ASP D 223 -1.86 -6.99 -23.13
CA ASP D 223 -2.34 -8.27 -22.60
C ASP D 223 -2.98 -8.13 -21.23
N PRO D 224 -2.37 -7.47 -20.23
CA PRO D 224 -3.09 -7.30 -18.94
C PRO D 224 -4.35 -6.47 -19.07
N VAL D 225 -4.40 -5.50 -19.98
CA VAL D 225 -5.66 -4.77 -20.19
C VAL D 225 -6.74 -5.72 -20.69
N VAL D 226 -6.40 -6.55 -21.68
CA VAL D 226 -7.38 -7.51 -22.21
C VAL D 226 -7.81 -8.48 -21.12
N PHE D 227 -6.86 -8.96 -20.32
CA PHE D 227 -7.18 -9.85 -19.20
C PHE D 227 -8.23 -9.22 -18.28
N LEU D 228 -7.99 -7.98 -17.84
CA LEU D 228 -8.91 -7.34 -16.92
C LEU D 228 -10.27 -7.08 -17.56
N ALA D 229 -10.30 -6.86 -18.86
CA ALA D 229 -11.55 -6.61 -19.57
C ALA D 229 -12.32 -7.90 -19.89
N SER D 230 -11.77 -9.07 -19.58
CA SER D 230 -12.31 -10.36 -20.00
C SER D 230 -12.92 -11.12 -18.82
N PRO D 231 -13.68 -12.19 -19.09
CA PRO D 231 -14.23 -13.01 -18.01
C PRO D 231 -13.17 -13.76 -17.21
N MET D 232 -11.90 -13.78 -17.64
CA MET D 232 -10.86 -14.29 -16.75
C MET D 232 -10.77 -13.48 -15.46
N ALA D 233 -11.21 -12.23 -15.48
CA ALA D 233 -11.17 -11.34 -14.33
C ALA D 233 -12.55 -11.10 -13.74
N SER D 234 -13.47 -12.06 -13.89
CA SER D 234 -14.85 -11.86 -13.45
C SER D 234 -15.01 -11.71 -11.95
N TYR D 235 -14.01 -12.08 -11.14
CA TYR D 235 -14.06 -11.78 -9.71
C TYR D 235 -13.07 -10.69 -9.31
N ILE D 236 -12.63 -9.88 -10.26
CA ILE D 236 -11.67 -8.81 -10.00
C ILE D 236 -12.37 -7.48 -10.25
N THR D 237 -12.51 -6.67 -9.21
CA THR D 237 -12.99 -5.31 -9.39
C THR D 237 -12.36 -4.43 -8.32
N GLY D 238 -12.30 -3.13 -8.61
CA GLY D 238 -11.65 -2.16 -7.73
C GLY D 238 -10.15 -2.23 -7.67
N THR D 239 -9.53 -2.97 -8.57
CA THR D 239 -8.14 -3.38 -8.44
C THR D 239 -7.27 -2.64 -9.45
N ILE D 240 -6.06 -2.28 -9.02
CA ILE D 240 -5.06 -1.62 -9.88
C ILE D 240 -3.89 -2.58 -10.00
N LEU D 241 -3.63 -3.05 -11.23
CA LEU D 241 -2.64 -4.10 -11.47
C LEU D 241 -1.35 -3.48 -11.99
N PRO D 242 -0.24 -3.53 -11.24
CA PRO D 242 1.02 -3.00 -11.78
C PRO D 242 1.49 -3.85 -12.96
N VAL D 243 1.93 -3.17 -14.00
CA VAL D 243 2.56 -3.82 -15.14
C VAL D 243 3.87 -3.08 -15.34
N ASP D 244 4.88 -3.44 -14.55
CA ASP D 244 5.97 -2.50 -14.32
C ASP D 244 7.33 -3.15 -14.16
N GLY D 245 7.50 -4.42 -14.54
CA GLY D 245 8.83 -5.00 -14.44
C GLY D 245 9.36 -5.15 -13.04
N GLY D 246 8.50 -5.02 -12.01
CA GLY D 246 8.91 -5.11 -10.63
C GLY D 246 9.18 -3.78 -9.96
N PHE D 247 8.93 -2.66 -10.65
CA PHE D 247 9.27 -1.34 -10.15
C PHE D 247 8.73 -1.11 -8.72
N LEU D 248 7.45 -1.38 -8.51
CA LEU D 248 6.83 -1.03 -7.22
C LEU D 248 7.17 -2.03 -6.12
N ALA D 249 7.70 -3.19 -6.48
CA ALA D 249 8.19 -4.15 -5.50
C ALA D 249 9.62 -3.87 -5.07
N ALA D 250 10.32 -2.98 -5.75
CA ALA D 250 11.73 -2.72 -5.46
C ALA D 250 11.90 -1.68 -4.36
#